data_1MHL
#
_entry.id   1MHL
#
_cell.length_a   111.700
_cell.length_b   64.600
_cell.length_c   94.200
_cell.angle_alpha   90.00
_cell.angle_beta   97.90
_cell.angle_gamma   90.00
#
_symmetry.space_group_name_H-M   'P 1 21 1'
#
loop_
_entity.id
_entity.type
_entity.pdbx_description
1 polymer MYELOPEROXIDASE
2 polymer MYELOPEROXIDASE
3 branched alpha-D-mannopyranose-(1-3)-[alpha-D-mannopyranose-(1-6)]beta-D-mannopyranose-(1-4)-2-acetamido-2-deoxy-beta-D-glucopyranose-(1-4)-[alpha-L-fucopyranose-(1-6)]2-acetamido-2-deoxy-beta-D-glucopyranose
4 non-polymer 2-acetamido-2-deoxy-beta-D-glucopyranose
5 non-polymer 'CALCIUM ION'
6 non-polymer 'CHLORIDE ION'
7 non-polymer 'PROTOPORPHYRIN IX CONTAINING FE'
8 water water
#
loop_
_entity_poly.entity_id
_entity_poly.type
_entity_poly.pdbx_seq_one_letter_code
_entity_poly.pdbx_strand_id
1 'polypeptide(L)'
;VTCPEQDKYRTITGMCNNRRSPTLGASNRAFVRWLPAEYEDGFSLPYGWTPGVKRNGFPVALARAVSNEIVRFPTDQLTP
DQERSLMFMQWGQLLDHDLDFTPEPAAR
;
A,B
2 'polypeptide(L)'
;VNCETSCVQQPPCFPLKIPPNDPRIKNQADCIPFFRSCPACPGSNITIRNQINALTSFVDASMVYGSEEPLARNLRNMSN
QLGLLAVNQRFQDNGRALLPFDNLHDDPCLLTNRSARIPCFLAGDTRSSEMPELTSMHTLLLREHNRLATELKSLNPRWD
GERLYQEARKIVGAMVQIITYRDYLPLVLGPTAMRKYLPTYRSYNDSVDPRIANVFTNAFRYGHTLIQPFMFRLDNRYQP
MEPNPRVPLSRVFFASWRVVLEGGIDPILRGLMATPAKLNRQNQIAVDEIRERLFEQVMRIGLDLPALNMQRSRDHGLPG
YNAWRRFCGLPQPETVGQLGTVLRNLKLARKLMEQYGTPNNIDIWMGGVSEPLKRKGRVGPLLACIIGTQFRKLRDGDRF
WWENEGVFSMQQRQALAQISLPRIICDNTGITTVSKNNIFMSNSYPRDFVNCSTLPALNLASWREA
;
C,D
#
loop_
_chem_comp.id
_chem_comp.type
_chem_comp.name
_chem_comp.formula
BMA D-saccharide, beta linking beta-D-mannopyranose 'C6 H12 O6'
CA non-polymer 'CALCIUM ION' 'Ca 2'
CL non-polymer 'CHLORIDE ION' 'Cl -1'
FUC L-saccharide, alpha linking alpha-L-fucopyranose 'C6 H12 O5'
HEM non-polymer 'PROTOPORPHYRIN IX CONTAINING FE' 'C34 H32 Fe N4 O4'
MAN D-saccharide, alpha linking alpha-D-mannopyranose 'C6 H12 O6'
NAG D-saccharide, beta linking 2-acetamido-2-deoxy-beta-D-glucopyranose 'C8 H15 N O6'
#
# COMPACT_ATOMS: atom_id res chain seq x y z
N CYS A 3 13.14 16.41 10.59
CA CYS A 3 14.04 16.72 9.49
C CYS A 3 14.46 18.18 9.66
N PRO A 4 15.69 18.65 9.48
CA PRO A 4 16.04 20.05 9.53
C PRO A 4 15.27 20.75 8.43
N GLU A 5 14.83 21.91 8.89
CA GLU A 5 14.04 22.86 8.12
C GLU A 5 14.78 23.25 6.86
N GLN A 6 16.11 23.28 6.91
CA GLN A 6 16.91 23.63 5.77
C GLN A 6 17.99 22.57 5.74
N ASP A 7 18.47 22.21 4.56
CA ASP A 7 19.51 21.21 4.40
C ASP A 7 20.11 21.48 3.03
N LYS A 8 21.32 21.09 2.66
CA LYS A 8 21.76 21.43 1.30
C LYS A 8 22.13 20.21 0.51
N TYR A 9 22.37 19.13 1.23
CA TYR A 9 22.77 17.89 0.59
C TYR A 9 21.85 16.76 1.06
N ARG A 10 21.85 15.72 0.28
CA ARG A 10 21.05 14.58 0.59
C ARG A 10 21.62 13.88 1.77
N THR A 11 20.79 13.24 2.57
CA THR A 11 21.28 12.48 3.71
C THR A 11 21.85 11.19 3.02
N ILE A 12 22.60 10.30 3.63
CA ILE A 12 23.12 9.10 2.96
C ILE A 12 22.05 8.03 2.68
N THR A 13 21.22 7.93 3.68
CA THR A 13 20.08 7.05 3.82
C THR A 13 18.86 7.46 2.98
N GLY A 14 18.73 8.74 2.54
CA GLY A 14 17.59 9.15 1.74
C GLY A 14 16.49 9.63 2.69
N MET A 15 16.68 9.58 4.00
CA MET A 15 15.69 10.02 4.95
C MET A 15 15.59 11.54 4.78
N CYS A 16 14.41 12.08 5.06
CA CYS A 16 14.13 13.49 4.98
C CYS A 16 14.14 14.12 3.59
N ASN A 17 14.17 13.32 2.50
CA ASN A 17 14.15 13.89 1.15
C ASN A 17 12.66 14.30 1.04
N ASN A 18 11.69 13.50 1.53
CA ASN A 18 10.29 13.88 1.47
C ASN A 18 10.11 14.36 2.92
N ARG A 19 9.84 15.63 3.18
CA ARG A 19 9.69 16.06 4.57
C ARG A 19 8.36 15.72 5.24
N ARG A 20 7.27 15.40 4.53
CA ARG A 20 6.02 15.06 5.19
C ARG A 20 6.06 13.59 5.59
N SER A 21 6.72 12.71 4.82
CA SER A 21 6.80 11.30 5.16
C SER A 21 8.29 10.93 4.98
N PRO A 22 9.14 11.15 6.00
CA PRO A 22 10.58 11.15 5.90
C PRO A 22 11.27 9.86 5.52
N THR A 23 10.60 8.69 5.60
CA THR A 23 11.25 7.45 5.23
C THR A 23 10.97 7.20 3.76
N LEU A 24 10.11 7.92 3.02
CA LEU A 24 9.87 7.61 1.62
C LEU A 24 11.09 7.70 0.71
N GLY A 25 11.53 6.54 0.22
CA GLY A 25 12.67 6.50 -0.64
C GLY A 25 13.96 6.23 0.17
N ALA A 26 13.91 6.27 1.51
CA ALA A 26 15.03 6.03 2.37
C ALA A 26 15.25 4.51 2.35
N SER A 27 16.47 4.13 2.70
CA SER A 27 16.86 2.74 2.71
C SER A 27 16.36 1.91 3.91
N ASN A 28 16.33 0.59 3.66
CA ASN A 28 15.89 -0.44 4.60
C ASN A 28 14.47 -0.23 5.10
N ARG A 29 13.63 -0.10 4.09
CA ARG A 29 12.19 0.10 4.28
C ARG A 29 11.52 -0.81 3.26
N ALA A 30 10.33 -1.31 3.53
CA ALA A 30 9.60 -2.17 2.65
C ALA A 30 9.26 -1.46 1.34
N PHE A 31 9.25 -2.25 0.27
CA PHE A 31 8.92 -1.76 -1.06
C PHE A 31 7.44 -1.30 -1.05
N VAL A 32 6.99 -0.48 -2.01
CA VAL A 32 5.59 -0.06 -2.05
C VAL A 32 4.98 -1.10 -3.01
N ARG A 33 3.72 -1.45 -2.83
CA ARG A 33 3.02 -2.40 -3.68
C ARG A 33 2.10 -1.70 -4.68
N TRP A 34 2.22 -1.83 -6.00
CA TRP A 34 1.29 -1.15 -6.87
C TRP A 34 0.04 -2.02 -6.96
N LEU A 35 0.06 -3.35 -6.76
CA LEU A 35 -1.12 -4.21 -6.81
C LEU A 35 -1.05 -5.08 -5.53
N PRO A 36 -2.13 -5.59 -4.90
CA PRO A 36 -2.06 -6.53 -3.79
C PRO A 36 -1.29 -7.79 -4.17
N ALA A 37 -0.55 -8.34 -3.20
CA ALA A 37 0.23 -9.55 -3.46
C ALA A 37 -0.63 -10.78 -3.59
N GLU A 38 -0.08 -11.73 -4.35
CA GLU A 38 -0.71 -13.02 -4.62
C GLU A 38 0.19 -14.12 -4.11
N TYR A 39 -0.25 -14.76 -3.02
CA TYR A 39 0.47 -15.84 -2.39
C TYR A 39 -0.49 -16.99 -2.28
N GLU A 40 0.08 -18.18 -2.30
CA GLU A 40 -0.65 -19.43 -2.20
C GLU A 40 -1.58 -19.52 -1.02
N ASP A 41 -1.24 -18.96 0.14
CA ASP A 41 -2.12 -19.01 1.32
C ASP A 41 -2.78 -17.63 1.55
N GLY A 42 -2.54 -16.68 0.64
CA GLY A 42 -3.11 -15.36 0.81
C GLY A 42 -2.11 -14.37 1.45
N PHE A 43 -1.14 -14.80 2.28
CA PHE A 43 -0.22 -13.86 2.89
C PHE A 43 1.28 -14.19 2.95
N SER A 44 1.86 -15.38 2.74
CA SER A 44 3.31 -15.55 2.84
C SER A 44 3.91 -16.62 1.96
N LEU A 45 3.18 -17.71 1.76
CA LEU A 45 3.67 -18.79 0.93
C LEU A 45 3.67 -18.52 -0.55
N PRO A 46 4.76 -18.76 -1.25
CA PRO A 46 4.85 -18.51 -2.67
C PRO A 46 4.19 -19.55 -3.54
N TYR A 47 3.61 -19.14 -4.68
CA TYR A 47 2.99 -20.11 -5.55
C TYR A 47 4.11 -21.09 -5.94
N GLY A 48 3.78 -22.37 -5.85
CA GLY A 48 4.74 -23.38 -6.19
C GLY A 48 5.28 -23.99 -4.91
N TRP A 49 4.91 -23.55 -3.71
CA TRP A 49 5.41 -24.11 -2.46
C TRP A 49 4.77 -25.47 -2.16
N THR A 50 3.43 -25.61 -2.15
CA THR A 50 2.74 -26.85 -1.87
C THR A 50 2.27 -27.59 -3.10
N PRO A 51 2.65 -28.86 -3.20
CA PRO A 51 2.22 -29.75 -4.27
C PRO A 51 0.69 -29.86 -4.36
N GLY A 52 0.27 -29.69 -5.60
CA GLY A 52 -1.12 -29.76 -5.90
C GLY A 52 -1.86 -28.46 -5.69
N VAL A 53 -1.25 -27.39 -5.19
CA VAL A 53 -2.04 -26.18 -5.04
C VAL A 53 -1.98 -25.48 -6.40
N LYS A 54 -3.14 -25.30 -7.02
CA LYS A 54 -3.25 -24.65 -8.32
C LYS A 54 -3.26 -23.11 -8.24
N ARG A 55 -2.92 -22.39 -9.31
CA ARG A 55 -2.94 -20.94 -9.27
C ARG A 55 -4.02 -20.59 -10.29
N ASN A 56 -5.13 -20.01 -9.86
CA ASN A 56 -6.23 -19.66 -10.77
C ASN A 56 -6.73 -20.83 -11.62
N GLY A 57 -6.85 -21.98 -11.01
CA GLY A 57 -7.32 -23.11 -11.76
C GLY A 57 -6.30 -23.80 -12.60
N PHE A 58 -5.03 -23.43 -12.63
CA PHE A 58 -4.09 -24.14 -13.46
C PHE A 58 -2.86 -24.45 -12.60
N PRO A 59 -2.19 -25.60 -12.77
CA PRO A 59 -0.99 -25.96 -12.03
C PRO A 59 0.13 -24.92 -12.25
N VAL A 60 0.97 -24.76 -11.23
CA VAL A 60 2.05 -23.81 -11.32
C VAL A 60 3.15 -24.38 -12.20
N ALA A 61 3.58 -23.59 -13.17
CA ALA A 61 4.61 -24.04 -14.07
C ALA A 61 5.99 -23.84 -13.43
N LEU A 62 6.88 -24.85 -13.52
CA LEU A 62 8.21 -24.74 -12.95
C LEU A 62 8.99 -23.65 -13.66
N ALA A 63 9.63 -22.73 -12.91
CA ALA A 63 10.43 -21.62 -13.49
C ALA A 63 11.51 -22.21 -14.40
N ARG A 64 12.19 -23.32 -14.02
CA ARG A 64 13.23 -23.95 -14.87
C ARG A 64 12.59 -24.55 -16.12
N ALA A 65 11.35 -25.06 -16.07
CA ALA A 65 10.72 -25.63 -17.26
C ALA A 65 10.37 -24.51 -18.28
N VAL A 66 9.92 -23.35 -17.76
CA VAL A 66 9.59 -22.23 -18.64
C VAL A 66 10.89 -21.73 -19.27
N SER A 67 11.95 -21.62 -18.50
CA SER A 67 13.21 -21.16 -19.08
C SER A 67 13.69 -22.14 -20.17
N ASN A 68 13.58 -23.46 -19.90
CA ASN A 68 14.02 -24.45 -20.90
C ASN A 68 13.25 -24.40 -22.18
N GLU A 69 11.96 -24.17 -22.01
CA GLU A 69 11.12 -24.11 -23.16
C GLU A 69 11.07 -22.85 -23.94
N ILE A 70 11.03 -21.73 -23.26
CA ILE A 70 10.94 -20.48 -24.00
C ILE A 70 12.17 -19.61 -24.14
N VAL A 71 12.98 -19.53 -23.10
CA VAL A 71 14.15 -18.71 -23.12
C VAL A 71 15.36 -19.22 -23.86
N ARG A 72 15.61 -20.51 -23.78
CA ARG A 72 16.75 -21.15 -24.43
C ARG A 72 16.93 -20.94 -25.94
N PHE A 73 18.11 -20.67 -26.51
CA PHE A 73 18.20 -20.51 -27.97
C PHE A 73 19.64 -20.88 -28.31
N PRO A 74 20.00 -21.30 -29.53
CA PRO A 74 21.39 -21.59 -29.89
C PRO A 74 22.23 -20.31 -29.81
N THR A 75 23.21 -20.25 -28.93
CA THR A 75 24.05 -19.07 -28.80
C THR A 75 24.67 -18.52 -30.08
N ASP A 76 25.07 -19.34 -31.06
CA ASP A 76 25.67 -18.77 -32.26
C ASP A 76 24.66 -18.11 -33.18
N GLN A 77 23.37 -18.15 -32.87
CA GLN A 77 22.39 -17.51 -33.70
C GLN A 77 22.14 -16.10 -33.11
N LEU A 78 22.78 -15.65 -32.02
CA LEU A 78 22.57 -14.34 -31.42
C LEU A 78 22.58 -13.17 -32.39
N THR A 79 21.56 -12.33 -32.28
CA THR A 79 21.48 -11.17 -33.14
C THR A 79 22.10 -9.97 -32.40
N PRO A 80 23.18 -9.38 -32.92
CA PRO A 80 23.78 -8.18 -32.36
C PRO A 80 22.90 -6.99 -32.66
N ASP A 81 22.74 -6.10 -31.70
CA ASP A 81 21.91 -4.94 -31.91
C ASP A 81 22.74 -3.87 -32.65
N GLN A 82 22.51 -3.65 -33.95
CA GLN A 82 23.23 -2.65 -34.72
C GLN A 82 23.06 -1.25 -34.14
N GLU A 83 22.01 -0.97 -33.37
CA GLU A 83 21.83 0.35 -32.82
C GLU A 83 22.06 0.58 -31.36
N ARG A 84 22.74 -0.29 -30.63
CA ARG A 84 22.97 -0.07 -29.21
C ARG A 84 24.30 -0.71 -28.91
N SER A 85 25.07 -0.08 -28.02
CA SER A 85 26.36 -0.61 -27.64
C SER A 85 26.19 -1.39 -26.32
N LEU A 86 27.19 -2.19 -25.91
CA LEU A 86 27.11 -2.96 -24.68
C LEU A 86 27.04 -2.00 -23.52
N MET A 87 27.52 -0.77 -23.68
CA MET A 87 27.49 0.24 -22.62
C MET A 87 26.00 0.47 -22.30
N PHE A 88 25.04 0.29 -23.25
CA PHE A 88 23.60 0.46 -22.99
C PHE A 88 23.19 -0.63 -21.99
N MET A 89 23.74 -1.87 -22.06
CA MET A 89 23.40 -2.95 -21.12
C MET A 89 24.05 -2.63 -19.77
N GLN A 90 25.34 -2.25 -19.80
CA GLN A 90 26.07 -1.96 -18.58
C GLN A 90 25.55 -0.77 -17.77
N TRP A 91 25.07 0.33 -18.36
CA TRP A 91 24.55 1.47 -17.59
C TRP A 91 23.29 0.95 -16.92
N GLY A 92 22.49 0.10 -17.58
CA GLY A 92 21.27 -0.44 -16.99
C GLY A 92 21.55 -1.17 -15.69
N GLN A 93 22.59 -1.98 -15.59
CA GLN A 93 22.88 -2.68 -14.35
C GLN A 93 23.35 -1.72 -13.25
N LEU A 94 24.26 -0.79 -13.62
CA LEU A 94 24.81 0.21 -12.69
C LEU A 94 23.65 1.06 -12.17
N LEU A 95 22.72 1.44 -13.04
CA LEU A 95 21.59 2.24 -12.62
C LEU A 95 20.71 1.41 -11.71
N ASP A 96 20.42 0.14 -12.01
CA ASP A 96 19.58 -0.73 -11.19
C ASP A 96 20.17 -0.79 -9.77
N HIS A 97 21.51 -0.81 -9.67
CA HIS A 97 22.16 -0.89 -8.35
C HIS A 97 22.13 0.38 -7.54
N ASP A 98 21.57 1.47 -8.13
CA ASP A 98 21.42 2.75 -7.46
C ASP A 98 20.02 2.76 -6.78
N LEU A 99 19.10 1.99 -7.41
CA LEU A 99 17.72 1.88 -6.98
C LEU A 99 17.27 0.73 -6.12
N ASP A 100 17.73 -0.51 -6.34
CA ASP A 100 17.22 -1.55 -5.47
C ASP A 100 18.14 -2.74 -5.26
N PHE A 101 18.05 -3.24 -4.02
CA PHE A 101 18.80 -4.39 -3.61
C PHE A 101 17.87 -4.96 -2.56
N THR A 102 17.41 -6.18 -2.84
CA THR A 102 16.51 -6.92 -1.99
C THR A 102 17.35 -7.96 -1.23
N PRO A 103 17.57 -7.80 0.07
CA PRO A 103 18.33 -8.75 0.87
C PRO A 103 17.67 -10.11 1.06
N GLU A 104 18.52 -11.09 1.23
CA GLU A 104 18.18 -12.48 1.45
C GLU A 104 18.84 -12.82 2.78
N PRO A 105 18.46 -13.86 3.51
CA PRO A 105 19.21 -14.35 4.67
C PRO A 105 20.57 -14.86 4.26
N ALA A 106 21.58 -14.74 5.11
CA ALA A 106 22.88 -15.25 4.70
C ALA A 106 22.96 -16.76 4.96
N VAL B 1 19.64 -23.27 7.95
CA VAL B 1 19.48 -24.10 6.76
C VAL B 1 20.30 -23.42 5.66
N ASN B 2 21.26 -24.13 5.06
CA ASN B 2 22.02 -23.47 4.05
C ASN B 2 21.35 -23.81 2.75
N CYS B 3 20.67 -22.84 2.17
CA CYS B 3 19.99 -23.09 0.93
C CYS B 3 20.91 -23.38 -0.22
N GLU B 4 22.19 -23.14 -0.08
CA GLU B 4 23.07 -23.42 -1.17
C GLU B 4 23.58 -24.85 -1.22
N THR B 5 23.62 -25.55 -0.08
CA THR B 5 24.13 -26.90 -0.09
C THR B 5 23.09 -28.01 -0.07
N SER B 6 21.82 -27.70 0.07
CA SER B 6 20.76 -28.69 0.11
C SER B 6 19.53 -28.29 -0.70
N CYS B 7 18.65 -29.25 -0.98
CA CYS B 7 17.42 -29.04 -1.72
C CYS B 7 16.22 -29.20 -0.80
N VAL B 8 16.41 -29.26 0.52
CA VAL B 8 15.28 -29.40 1.43
C VAL B 8 14.55 -28.03 1.35
N GLN B 9 13.24 -28.09 1.20
CA GLN B 9 12.42 -26.90 1.12
C GLN B 9 11.96 -26.61 2.53
N GLN B 10 12.59 -25.70 3.23
CA GLN B 10 12.21 -25.38 4.58
C GLN B 10 12.66 -23.94 4.68
N PRO B 11 11.98 -23.04 5.37
CA PRO B 11 12.38 -21.65 5.50
C PRO B 11 13.83 -21.56 5.93
N PRO B 12 14.66 -20.73 5.31
CA PRO B 12 14.27 -19.72 4.31
C PRO B 12 14.43 -20.17 2.87
N CYS B 13 14.63 -21.45 2.59
CA CYS B 13 14.81 -21.92 1.23
C CYS B 13 13.57 -22.19 0.41
N PHE B 14 13.68 -21.87 -0.90
CA PHE B 14 12.59 -22.09 -1.83
C PHE B 14 13.25 -22.58 -3.11
N PRO B 15 13.86 -23.78 -3.11
CA PRO B 15 14.65 -24.24 -4.24
C PRO B 15 13.85 -24.46 -5.48
N LEU B 16 14.46 -24.24 -6.63
CA LEU B 16 13.74 -24.44 -7.86
C LEU B 16 13.74 -25.94 -8.18
N LYS B 17 12.59 -26.56 -8.41
CA LYS B 17 12.52 -27.98 -8.73
C LYS B 17 12.95 -28.23 -10.16
N ILE B 18 13.52 -29.39 -10.45
CA ILE B 18 13.98 -29.69 -11.80
C ILE B 18 12.98 -30.44 -12.63
N PRO B 19 12.62 -29.99 -13.84
CA PRO B 19 11.76 -30.71 -14.78
C PRO B 19 12.34 -32.05 -15.23
N PRO B 20 11.50 -32.95 -15.72
CA PRO B 20 11.91 -34.09 -16.50
C PRO B 20 12.64 -33.61 -17.74
N ASN B 21 13.60 -34.42 -18.13
CA ASN B 21 14.38 -34.12 -19.33
C ASN B 21 14.95 -32.71 -19.43
N ASP B 22 15.63 -32.33 -18.37
CA ASP B 22 16.25 -31.03 -18.30
C ASP B 22 17.51 -31.18 -19.16
N PRO B 23 17.93 -30.22 -19.99
CA PRO B 23 19.17 -30.31 -20.75
C PRO B 23 20.45 -30.35 -19.94
N ARG B 24 20.41 -30.13 -18.63
CA ARG B 24 21.63 -30.15 -17.87
C ARG B 24 21.47 -30.86 -16.55
N ILE B 25 20.40 -30.67 -15.79
CA ILE B 25 20.27 -31.32 -14.51
C ILE B 25 19.40 -32.54 -14.68
N LYS B 26 20.15 -33.62 -14.91
CA LYS B 26 19.56 -34.91 -15.11
C LYS B 26 19.00 -35.50 -13.81
N ASN B 27 19.43 -35.06 -12.63
CA ASN B 27 18.87 -35.63 -11.43
C ASN B 27 17.67 -34.79 -10.97
N GLN B 28 16.45 -35.27 -11.16
CA GLN B 28 15.26 -34.56 -10.79
C GLN B 28 15.17 -34.37 -9.29
N ALA B 29 16.07 -34.90 -8.47
CA ALA B 29 15.99 -34.69 -7.03
C ALA B 29 17.01 -33.58 -6.70
N ASP B 30 17.72 -32.99 -7.68
CA ASP B 30 18.66 -31.94 -7.39
C ASP B 30 17.76 -30.67 -7.42
N CYS B 31 18.29 -29.45 -7.47
CA CYS B 31 17.50 -28.21 -7.49
C CYS B 31 18.44 -27.06 -7.79
N ILE B 32 17.88 -25.87 -8.05
CA ILE B 32 18.74 -24.71 -8.30
C ILE B 32 18.49 -23.97 -6.98
N PRO B 33 19.56 -23.69 -6.24
CA PRO B 33 19.48 -23.05 -4.94
C PRO B 33 18.73 -21.71 -4.97
N PHE B 34 18.03 -21.38 -3.89
CA PHE B 34 17.27 -20.14 -3.84
C PHE B 34 16.89 -19.80 -2.43
N PHE B 35 17.18 -18.59 -1.97
CA PHE B 35 16.84 -18.13 -0.62
C PHE B 35 15.76 -17.08 -0.84
N ARG B 36 14.69 -17.19 -0.06
CA ARG B 36 13.59 -16.27 -0.11
C ARG B 36 14.09 -14.87 0.35
N SER B 37 13.56 -13.76 -0.16
CA SER B 37 13.98 -12.44 0.25
C SER B 37 13.47 -12.26 1.66
N CYS B 38 14.24 -11.54 2.44
CA CYS B 38 13.91 -11.26 3.82
C CYS B 38 12.53 -10.60 3.89
N PRO B 39 11.65 -10.93 4.84
CA PRO B 39 10.38 -10.27 5.01
C PRO B 39 10.51 -8.96 5.78
N ALA B 40 9.64 -8.00 5.50
CA ALA B 40 9.65 -6.71 6.18
C ALA B 40 9.11 -6.88 7.56
N CYS B 41 8.23 -7.85 7.80
CA CYS B 41 7.68 -8.02 9.15
C CYS B 41 7.81 -9.52 9.49
N PRO B 42 8.96 -10.01 9.94
CA PRO B 42 9.20 -11.43 10.12
C PRO B 42 8.26 -12.06 11.15
N GLY B 43 7.83 -13.28 10.87
CA GLY B 43 6.94 -14.01 11.77
C GLY B 43 5.47 -13.63 11.79
N SER B 44 5.04 -12.44 11.33
CA SER B 44 3.65 -12.08 11.37
C SER B 44 2.75 -12.93 10.49
N ASN B 45 1.62 -13.18 11.12
CA ASN B 45 0.59 -13.97 10.48
C ASN B 45 -0.57 -13.01 10.14
N ILE B 46 -0.40 -11.71 10.43
CA ILE B 46 -1.38 -10.68 10.17
C ILE B 46 -1.03 -9.96 8.89
N THR B 47 0.21 -9.53 8.72
CA THR B 47 0.67 -8.82 7.55
C THR B 47 0.83 -9.65 6.33
N ILE B 48 0.58 -9.07 5.17
CA ILE B 48 0.76 -9.82 3.94
C ILE B 48 2.27 -9.62 3.75
N ARG B 49 3.08 -10.65 3.64
CA ARG B 49 4.50 -10.54 3.46
C ARG B 49 4.99 -9.57 2.38
N ASN B 50 5.96 -8.72 2.70
CA ASN B 50 6.46 -7.80 1.70
C ASN B 50 7.98 -7.80 1.86
N GLN B 51 8.74 -7.38 0.86
CA GLN B 51 10.19 -7.37 0.97
C GLN B 51 10.75 -5.98 1.25
N ILE B 52 12.04 -5.92 1.46
CA ILE B 52 12.79 -4.72 1.79
C ILE B 52 13.72 -4.17 0.73
N ASN B 53 13.86 -2.84 0.64
CA ASN B 53 14.78 -2.29 -0.34
C ASN B 53 15.94 -1.79 0.56
N ALA B 54 17.14 -2.31 0.39
CA ALA B 54 18.26 -1.89 1.21
C ALA B 54 18.92 -0.57 0.76
N LEU B 55 18.62 -0.11 -0.48
CA LEU B 55 19.16 1.11 -1.06
C LEU B 55 18.22 2.30 -1.09
N THR B 56 18.73 3.49 -1.43
CA THR B 56 17.85 4.67 -1.51
C THR B 56 17.22 4.53 -2.90
N SER B 57 15.93 4.79 -3.02
CA SER B 57 15.27 4.66 -4.32
C SER B 57 15.72 5.72 -5.29
N PHE B 58 16.16 6.87 -4.73
CA PHE B 58 16.63 7.97 -5.54
C PHE B 58 17.89 7.56 -6.33
N VAL B 59 17.94 8.30 -7.45
CA VAL B 59 18.99 8.24 -8.47
C VAL B 59 19.96 9.33 -7.97
N ASP B 60 20.76 8.90 -6.99
CA ASP B 60 21.74 9.70 -6.31
C ASP B 60 23.10 9.09 -6.23
N ALA B 61 23.49 8.24 -7.17
CA ALA B 61 24.81 7.58 -7.13
C ALA B 61 25.10 6.85 -5.77
N SER B 62 24.05 6.29 -5.10
CA SER B 62 24.18 5.56 -3.83
C SER B 62 25.05 4.31 -4.04
N MET B 63 25.23 3.85 -5.30
CA MET B 63 26.04 2.67 -5.56
C MET B 63 27.52 3.03 -5.42
N VAL B 64 27.81 4.34 -5.42
CA VAL B 64 29.16 4.88 -5.29
C VAL B 64 29.35 5.26 -3.82
N TYR B 65 28.36 5.92 -3.22
CA TYR B 65 28.49 6.37 -1.84
C TYR B 65 27.99 5.60 -0.65
N GLY B 66 27.09 4.64 -0.93
CA GLY B 66 26.50 3.80 0.08
C GLY B 66 25.19 4.39 0.48
N SER B 67 24.35 3.54 1.07
CA SER B 67 23.03 3.99 1.51
C SER B 67 22.87 3.85 3.01
N GLU B 68 23.95 3.61 3.74
CA GLU B 68 23.93 3.46 5.20
C GLU B 68 25.11 4.29 5.72
N GLU B 69 24.94 5.02 6.82
CA GLU B 69 25.99 5.85 7.37
C GLU B 69 27.31 5.22 7.69
N PRO B 70 27.47 4.03 8.35
CA PRO B 70 28.80 3.44 8.67
C PRO B 70 29.56 3.12 7.39
N LEU B 71 28.84 2.56 6.42
CA LEU B 71 29.42 2.21 5.15
C LEU B 71 29.90 3.48 4.45
N ALA B 72 29.08 4.50 4.28
CA ALA B 72 29.48 5.73 3.61
C ALA B 72 30.72 6.32 4.27
N ARG B 73 30.85 6.32 5.61
CA ARG B 73 32.04 6.86 6.27
C ARG B 73 33.23 6.00 5.89
N ASN B 74 33.11 4.67 5.98
CA ASN B 74 34.20 3.78 5.62
C ASN B 74 34.61 3.87 4.17
N LEU B 75 33.84 4.44 3.25
CA LEU B 75 34.31 4.50 1.87
C LEU B 75 35.18 5.75 1.68
N ARG B 76 35.17 6.65 2.65
CA ARG B 76 35.94 7.88 2.53
C ARG B 76 37.39 7.83 2.92
N ASN B 77 38.23 8.66 2.29
CA ASN B 77 39.64 8.68 2.62
C ASN B 77 39.63 9.63 3.82
N MET B 78 39.63 9.14 5.04
CA MET B 78 39.61 9.98 6.22
C MET B 78 40.97 10.45 6.74
N SER B 79 42.05 10.13 6.05
CA SER B 79 43.37 10.54 6.48
C SER B 79 43.71 11.97 6.12
N ASN B 80 42.84 12.77 5.48
CA ASN B 80 43.16 14.15 5.15
C ASN B 80 41.88 14.95 4.97
N GLN B 81 41.88 16.22 4.60
CA GLN B 81 40.67 17.04 4.42
C GLN B 81 40.33 17.36 2.97
N LEU B 82 40.72 16.48 2.09
CA LEU B 82 40.48 16.63 0.69
C LEU B 82 39.14 16.11 0.19
N GLY B 83 38.26 15.51 1.00
CA GLY B 83 36.96 15.00 0.58
C GLY B 83 37.04 13.88 -0.45
N LEU B 84 38.11 13.10 -0.45
CA LEU B 84 38.29 12.02 -1.40
C LEU B 84 37.68 10.74 -0.89
N LEU B 85 37.52 9.79 -1.80
CA LEU B 85 36.96 8.49 -1.46
C LEU B 85 38.23 7.67 -1.48
N ALA B 86 38.29 6.66 -0.61
CA ALA B 86 39.45 5.77 -0.51
C ALA B 86 39.71 4.97 -1.78
N VAL B 87 40.96 4.74 -2.12
CA VAL B 87 41.30 3.98 -3.32
C VAL B 87 42.13 2.80 -2.81
N ASN B 88 42.39 1.86 -3.67
CA ASN B 88 43.16 0.68 -3.31
C ASN B 88 44.60 1.01 -2.93
N GLN B 89 45.07 0.58 -1.76
CA GLN B 89 46.44 0.86 -1.33
C GLN B 89 47.50 -0.12 -1.86
N ARG B 90 47.14 -1.22 -2.55
CA ARG B 90 48.13 -2.15 -3.05
C ARG B 90 48.15 -2.12 -4.57
N PHE B 91 47.13 -1.71 -5.28
CA PHE B 91 47.20 -1.73 -6.74
C PHE B 91 46.63 -0.47 -7.35
N GLN B 92 47.18 -0.19 -8.53
CA GLN B 92 46.82 0.96 -9.32
C GLN B 92 46.68 0.50 -10.77
N ASP B 93 45.92 1.19 -11.58
CA ASP B 93 45.72 0.83 -12.93
C ASP B 93 46.48 1.87 -13.71
N ASN B 94 47.69 1.51 -14.09
CA ASN B 94 48.58 2.39 -14.83
C ASN B 94 48.64 3.75 -14.17
N GLY B 95 48.83 3.77 -12.85
CA GLY B 95 48.89 5.00 -12.12
C GLY B 95 47.55 5.52 -11.69
N ARG B 96 46.45 5.02 -12.25
CA ARG B 96 45.13 5.49 -11.86
C ARG B 96 44.57 4.64 -10.73
N ALA B 97 43.65 5.19 -9.99
CA ALA B 97 43.01 4.55 -8.87
C ALA B 97 42.14 3.35 -9.16
N LEU B 98 42.05 2.48 -8.16
CA LEU B 98 41.25 1.28 -8.22
C LEU B 98 40.46 1.29 -6.91
N LEU B 99 39.34 0.55 -6.86
CA LEU B 99 38.51 0.45 -5.69
C LEU B 99 39.28 -0.27 -4.59
N PRO B 100 39.08 0.06 -3.32
CA PRO B 100 39.59 -0.73 -2.22
C PRO B 100 39.02 -2.15 -2.20
N PHE B 101 39.64 -3.04 -1.43
CA PHE B 101 39.19 -4.42 -1.33
C PHE B 101 38.28 -4.48 -0.13
N ASP B 102 37.31 -5.39 -0.17
CA ASP B 102 36.39 -5.53 0.94
C ASP B 102 36.99 -6.61 1.85
N ASN B 103 36.41 -6.91 2.99
CA ASN B 103 36.94 -7.93 3.85
C ASN B 103 35.77 -8.85 4.17
N LEU B 104 35.34 -9.61 3.20
CA LEU B 104 34.23 -10.54 3.35
C LEU B 104 34.70 -11.85 3.94
N HIS B 105 34.02 -12.36 4.98
CA HIS B 105 34.43 -13.63 5.59
C HIS B 105 34.43 -14.79 4.60
N ASP B 106 33.44 -14.86 3.72
CA ASP B 106 33.34 -15.91 2.73
C ASP B 106 33.36 -15.03 1.49
N ASP B 107 34.50 -14.89 0.82
CA ASP B 107 34.62 -14.05 -0.35
C ASP B 107 34.53 -14.78 -1.67
N PRO B 108 33.59 -14.53 -2.58
CA PRO B 108 33.45 -15.29 -3.80
C PRO B 108 34.49 -14.92 -4.79
N CYS B 109 35.07 -13.73 -4.74
CA CYS B 109 36.08 -13.40 -5.74
C CYS B 109 37.37 -14.20 -5.74
N LEU B 110 37.72 -14.61 -4.54
CA LEU B 110 38.92 -15.41 -4.24
C LEU B 110 38.81 -16.77 -4.94
N LEU B 111 37.59 -17.32 -4.93
CA LEU B 111 37.31 -18.60 -5.55
C LEU B 111 37.43 -18.61 -7.04
N THR B 112 37.38 -17.47 -7.77
CA THR B 112 37.47 -17.50 -9.23
C THR B 112 38.87 -17.73 -9.73
N ASN B 113 39.88 -17.51 -8.90
CA ASN B 113 41.24 -17.74 -9.31
C ASN B 113 41.93 -17.82 -8.00
N ARG B 114 41.96 -19.04 -7.51
CA ARG B 114 42.58 -19.31 -6.23
C ARG B 114 44.06 -18.93 -6.21
N SER B 115 44.87 -19.06 -7.27
CA SER B 115 46.26 -18.65 -7.11
C SER B 115 46.46 -17.12 -7.05
N ALA B 116 45.59 -16.34 -7.74
CA ALA B 116 45.68 -14.89 -7.78
C ALA B 116 45.32 -14.30 -6.46
N ARG B 117 44.44 -14.90 -5.70
CA ARG B 117 44.07 -14.35 -4.41
C ARG B 117 43.72 -12.85 -4.37
N ILE B 118 42.90 -12.38 -5.30
CA ILE B 118 42.49 -10.98 -5.35
C ILE B 118 41.05 -10.94 -4.81
N PRO B 119 40.73 -10.39 -3.66
CA PRO B 119 39.39 -10.35 -3.11
C PRO B 119 38.39 -9.47 -3.85
N CYS B 120 37.16 -9.40 -3.35
CA CYS B 120 36.14 -8.59 -3.95
C CYS B 120 36.38 -7.14 -3.57
N PHE B 121 35.98 -6.24 -4.48
CA PHE B 121 36.12 -4.79 -4.31
C PHE B 121 35.05 -4.31 -3.36
N LEU B 122 35.28 -3.13 -2.80
CA LEU B 122 34.34 -2.53 -1.86
C LEU B 122 33.77 -1.25 -2.49
N ALA B 123 32.46 -1.08 -2.63
CA ALA B 123 31.88 0.10 -3.23
C ALA B 123 30.61 0.41 -2.44
N GLY B 124 29.83 1.44 -2.81
CA GLY B 124 28.62 1.79 -2.09
C GLY B 124 27.57 0.71 -2.09
N ASP B 125 27.62 -0.14 -3.11
CA ASP B 125 26.68 -1.24 -3.26
C ASP B 125 27.50 -2.55 -3.20
N THR B 126 26.96 -3.62 -2.62
CA THR B 126 27.61 -4.93 -2.49
C THR B 126 27.83 -5.70 -3.77
N ARG B 127 27.21 -5.39 -4.90
CA ARG B 127 27.45 -6.16 -6.11
C ARG B 127 28.51 -5.64 -7.03
N SER B 128 29.43 -4.79 -6.61
CA SER B 128 30.44 -4.28 -7.53
C SER B 128 31.30 -5.21 -8.28
N SER B 129 31.68 -6.34 -7.72
CA SER B 129 32.54 -7.24 -8.44
C SER B 129 31.74 -8.27 -9.23
N GLU B 130 30.40 -8.22 -9.32
CA GLU B 130 29.65 -9.24 -10.04
C GLU B 130 30.14 -9.47 -11.45
N MET B 131 30.65 -8.50 -12.18
CA MET B 131 31.14 -8.75 -13.53
C MET B 131 32.10 -7.57 -13.73
N PRO B 132 33.29 -7.73 -14.35
CA PRO B 132 34.31 -6.68 -14.41
C PRO B 132 33.89 -5.39 -15.09
N GLU B 133 32.90 -5.44 -15.98
CA GLU B 133 32.40 -4.28 -16.72
C GLU B 133 31.64 -3.37 -15.76
N LEU B 134 31.05 -3.97 -14.74
CA LEU B 134 30.31 -3.24 -13.73
C LEU B 134 31.40 -2.68 -12.86
N THR B 135 32.50 -3.42 -12.57
CA THR B 135 33.55 -2.89 -11.74
C THR B 135 34.17 -1.69 -12.44
N SER B 136 34.39 -1.75 -13.76
CA SER B 136 34.96 -0.64 -14.50
C SER B 136 34.15 0.65 -14.30
N MET B 137 32.80 0.58 -14.37
CA MET B 137 31.90 1.71 -14.21
C MET B 137 31.98 2.27 -12.79
N HIS B 138 32.10 1.38 -11.80
CA HIS B 138 32.21 1.79 -10.41
C HIS B 138 33.56 2.50 -10.21
N THR B 139 34.63 2.03 -10.84
CA THR B 139 35.95 2.62 -10.72
C THR B 139 35.96 4.02 -11.34
N LEU B 140 35.38 4.13 -12.54
CA LEU B 140 35.28 5.35 -13.30
C LEU B 140 34.67 6.45 -12.45
N LEU B 141 33.54 6.16 -11.80
CA LEU B 141 32.88 7.14 -10.97
C LEU B 141 33.66 7.45 -9.71
N LEU B 142 34.50 6.56 -9.19
CA LEU B 142 35.26 6.86 -7.99
C LEU B 142 36.29 7.94 -8.42
N ARG B 143 36.95 7.66 -9.56
CA ARG B 143 37.95 8.56 -10.12
C ARG B 143 37.30 9.89 -10.42
N GLU B 144 36.08 9.92 -10.94
CA GLU B 144 35.43 11.16 -11.23
C GLU B 144 35.16 11.89 -9.91
N HIS B 145 34.79 11.21 -8.81
CA HIS B 145 34.55 11.95 -7.59
C HIS B 145 35.88 12.60 -7.14
N ASN B 146 36.99 11.86 -7.19
CA ASN B 146 38.25 12.40 -6.77
C ASN B 146 38.78 13.51 -7.67
N ARG B 147 38.52 13.43 -8.97
CA ARG B 147 38.97 14.42 -9.94
C ARG B 147 38.28 15.74 -9.63
N LEU B 148 36.99 15.64 -9.36
CA LEU B 148 36.11 16.72 -9.03
C LEU B 148 36.49 17.32 -7.68
N ALA B 149 36.74 16.54 -6.60
CA ALA B 149 37.10 17.08 -5.30
C ALA B 149 38.43 17.81 -5.41
N THR B 150 39.35 17.40 -6.29
CA THR B 150 40.64 18.04 -6.50
C THR B 150 40.43 19.39 -7.18
N GLU B 151 39.62 19.44 -8.23
CA GLU B 151 39.38 20.69 -8.91
C GLU B 151 38.69 21.66 -7.97
N LEU B 152 37.68 21.22 -7.22
CA LEU B 152 36.99 22.09 -6.32
C LEU B 152 37.91 22.60 -5.21
N LYS B 153 38.94 21.86 -4.80
CA LYS B 153 39.83 22.35 -3.74
C LYS B 153 40.64 23.50 -4.32
N SER B 154 41.04 23.40 -5.61
CA SER B 154 41.81 24.43 -6.28
C SER B 154 41.00 25.69 -6.40
N LEU B 155 39.74 25.56 -6.74
CA LEU B 155 38.89 26.72 -6.88
C LEU B 155 38.49 27.25 -5.54
N ASN B 156 38.37 26.39 -4.53
CA ASN B 156 37.96 26.85 -3.22
C ASN B 156 38.83 26.38 -2.08
N PRO B 157 40.03 26.97 -1.91
CA PRO B 157 41.05 26.49 -0.96
C PRO B 157 40.58 26.41 0.48
N ARG B 158 39.57 27.15 0.88
CA ARG B 158 39.12 27.11 2.25
C ARG B 158 38.04 26.06 2.51
N TRP B 159 37.56 25.31 1.53
CA TRP B 159 36.53 24.33 1.82
C TRP B 159 37.16 23.15 2.56
N ASP B 160 36.53 22.60 3.60
CA ASP B 160 37.14 21.44 4.31
C ASP B 160 36.80 20.13 3.63
N GLY B 161 37.21 18.96 4.19
CA GLY B 161 36.92 17.65 3.61
C GLY B 161 35.42 17.34 3.45
N GLU B 162 34.58 17.67 4.41
CA GLU B 162 33.16 17.41 4.32
C GLU B 162 32.48 18.19 3.19
N ARG B 163 32.88 19.46 3.00
CA ARG B 163 32.27 20.26 1.94
C ARG B 163 32.75 19.74 0.62
N LEU B 164 34.03 19.43 0.45
CA LEU B 164 34.52 18.92 -0.83
C LEU B 164 33.82 17.61 -1.18
N TYR B 165 33.68 16.71 -0.21
CA TYR B 165 33.04 15.42 -0.40
C TYR B 165 31.58 15.64 -0.86
N GLN B 166 30.79 16.42 -0.10
CA GLN B 166 29.41 16.69 -0.43
C GLN B 166 29.21 17.37 -1.76
N GLU B 167 30.05 18.34 -2.06
CA GLU B 167 29.92 19.05 -3.32
C GLU B 167 30.29 18.16 -4.49
N ALA B 168 31.35 17.36 -4.41
CA ALA B 168 31.68 16.50 -5.56
C ALA B 168 30.57 15.42 -5.65
N ARG B 169 30.06 14.90 -4.52
CA ARG B 169 29.01 13.90 -4.50
C ARG B 169 27.76 14.43 -5.21
N LYS B 170 27.44 15.70 -4.95
CA LYS B 170 26.28 16.33 -5.54
C LYS B 170 26.43 16.46 -7.06
N ILE B 171 27.63 16.64 -7.58
CA ILE B 171 27.79 16.75 -9.02
C ILE B 171 27.73 15.35 -9.59
N VAL B 172 28.33 14.31 -8.93
CA VAL B 172 28.29 12.93 -9.43
C VAL B 172 26.82 12.45 -9.45
N GLY B 173 26.01 12.71 -8.43
CA GLY B 173 24.61 12.31 -8.38
C GLY B 173 23.86 12.98 -9.56
N ALA B 174 24.14 14.29 -9.86
CA ALA B 174 23.47 14.98 -10.96
C ALA B 174 23.91 14.36 -12.28
N MET B 175 25.19 14.03 -12.43
CA MET B 175 25.70 13.41 -13.65
C MET B 175 24.98 12.08 -13.90
N VAL B 176 24.75 11.24 -12.87
CA VAL B 176 24.06 9.96 -13.09
C VAL B 176 22.63 10.32 -13.50
N GLN B 177 21.93 11.30 -12.93
CA GLN B 177 20.56 11.64 -13.32
C GLN B 177 20.49 12.16 -14.76
N ILE B 178 21.48 12.93 -15.21
CA ILE B 178 21.45 13.46 -16.58
C ILE B 178 21.71 12.35 -17.58
N ILE B 179 22.71 11.47 -17.39
CA ILE B 179 22.94 10.42 -18.35
C ILE B 179 21.75 9.47 -18.39
N THR B 180 21.13 9.18 -17.25
CA THR B 180 20.00 8.29 -17.22
C THR B 180 18.80 8.87 -17.97
N TYR B 181 18.28 10.04 -17.58
CA TYR B 181 17.14 10.60 -18.26
C TYR B 181 17.38 11.25 -19.61
N ARG B 182 18.59 11.79 -19.88
CA ARG B 182 18.82 12.39 -21.16
C ARG B 182 19.28 11.40 -22.23
N ASP B 183 20.24 10.53 -21.89
CA ASP B 183 20.73 9.58 -22.88
C ASP B 183 20.23 8.15 -22.84
N TYR B 184 20.04 7.60 -21.64
CA TYR B 184 19.57 6.22 -21.50
C TYR B 184 18.11 5.91 -21.65
N LEU B 185 17.24 6.44 -20.79
CA LEU B 185 15.83 6.16 -20.90
C LEU B 185 15.21 6.38 -22.25
N PRO B 186 15.47 7.40 -23.10
CA PRO B 186 14.87 7.51 -24.42
C PRO B 186 15.14 6.31 -25.29
N LEU B 187 16.32 5.69 -25.14
CA LEU B 187 16.68 4.52 -25.95
C LEU B 187 16.05 3.23 -25.41
N VAL B 188 15.59 3.25 -24.16
CA VAL B 188 14.94 2.11 -23.53
C VAL B 188 13.45 2.16 -23.89
N LEU B 189 12.81 3.27 -23.62
CA LEU B 189 11.40 3.38 -23.92
C LEU B 189 10.99 3.70 -25.32
N GLY B 190 11.83 4.40 -26.07
CA GLY B 190 11.47 4.75 -27.43
C GLY B 190 10.62 6.03 -27.33
N PRO B 191 10.43 6.79 -28.43
CA PRO B 191 9.91 8.15 -28.35
C PRO B 191 8.50 8.32 -27.90
N THR B 192 7.57 7.44 -28.26
CA THR B 192 6.22 7.67 -27.80
C THR B 192 6.03 7.32 -26.35
N ALA B 193 6.74 6.32 -25.79
CA ALA B 193 6.51 6.03 -24.39
C ALA B 193 7.21 7.10 -23.54
N MET B 194 8.31 7.66 -24.08
CA MET B 194 9.05 8.69 -23.36
C MET B 194 8.10 9.87 -23.20
N ARG B 195 7.38 10.25 -24.23
CA ARG B 195 6.45 11.38 -24.15
C ARG B 195 5.31 11.12 -23.19
N LYS B 196 4.80 9.89 -23.24
CA LYS B 196 3.71 9.53 -22.38
C LYS B 196 4.05 9.40 -20.90
N TYR B 197 5.19 8.82 -20.58
CA TYR B 197 5.49 8.68 -19.16
C TYR B 197 6.41 9.67 -18.52
N LEU B 198 7.21 10.30 -19.35
CA LEU B 198 8.15 11.29 -18.85
C LEU B 198 7.97 12.58 -19.61
N PRO B 199 6.80 13.24 -19.49
CA PRO B 199 6.65 14.58 -19.99
C PRO B 199 7.63 15.54 -19.29
N THR B 200 7.99 16.64 -19.92
CA THR B 200 8.92 17.66 -19.39
C THR B 200 8.72 17.98 -17.91
N TYR B 201 9.84 18.04 -17.23
CA TYR B 201 9.86 18.32 -15.82
C TYR B 201 9.30 19.72 -15.53
N ARG B 202 8.45 19.89 -14.54
CA ARG B 202 7.88 21.16 -14.20
C ARG B 202 8.35 21.54 -12.81
N SER B 203 8.24 20.65 -11.84
CA SER B 203 8.67 20.96 -10.48
C SER B 203 8.60 19.75 -9.57
N TYR B 204 9.19 19.90 -8.39
CA TYR B 204 9.17 18.83 -7.44
C TYR B 204 7.75 18.76 -6.90
N ASN B 205 7.19 17.56 -6.69
CA ASN B 205 5.83 17.40 -6.17
C ASN B 205 6.02 16.49 -4.95
N ASP B 206 5.77 17.03 -3.76
CA ASP B 206 5.93 16.28 -2.55
C ASP B 206 4.85 15.24 -2.34
N SER B 207 3.81 15.14 -3.18
CA SER B 207 2.79 14.14 -2.99
C SER B 207 3.08 12.95 -3.93
N VAL B 208 4.23 12.94 -4.60
CA VAL B 208 4.57 11.88 -5.49
C VAL B 208 5.43 10.93 -4.65
N ASP B 209 5.02 9.67 -4.55
CA ASP B 209 5.71 8.64 -3.79
C ASP B 209 6.90 8.14 -4.61
N PRO B 210 8.13 8.28 -4.11
CA PRO B 210 9.35 7.94 -4.84
C PRO B 210 9.87 6.53 -4.51
N ARG B 211 9.18 5.73 -3.68
CA ARG B 211 9.66 4.38 -3.36
C ARG B 211 9.69 3.46 -4.56
N ILE B 212 10.59 2.47 -4.59
CA ILE B 212 10.66 1.55 -5.71
C ILE B 212 9.51 0.58 -5.44
N ALA B 213 8.73 0.32 -6.48
CA ALA B 213 7.61 -0.60 -6.33
C ALA B 213 8.22 -2.00 -6.45
N ASN B 214 7.63 -2.95 -5.73
CA ASN B 214 8.10 -4.30 -5.72
C ASN B 214 8.23 -4.85 -7.12
N VAL B 215 7.26 -4.63 -7.99
CA VAL B 215 7.31 -5.13 -9.36
C VAL B 215 8.46 -4.61 -10.20
N PHE B 216 9.00 -3.43 -9.87
CA PHE B 216 10.10 -2.85 -10.63
C PHE B 216 11.36 -3.68 -10.45
N THR B 217 11.60 -4.26 -9.26
CA THR B 217 12.80 -5.07 -9.00
C THR B 217 12.86 -6.26 -9.97
N ASN B 218 11.71 -6.74 -10.49
CA ASN B 218 11.63 -7.83 -11.41
C ASN B 218 11.54 -7.37 -12.83
N ALA B 219 10.69 -6.34 -13.07
CA ALA B 219 10.50 -5.80 -14.40
C ALA B 219 11.75 -5.13 -14.94
N PHE B 220 12.59 -4.50 -14.11
CA PHE B 220 13.78 -3.86 -14.67
C PHE B 220 14.83 -4.90 -14.99
N ARG B 221 14.56 -6.18 -14.68
CA ARG B 221 15.50 -7.25 -15.00
C ARG B 221 15.37 -7.50 -16.50
N TYR B 222 14.62 -6.72 -17.30
CA TYR B 222 14.48 -6.90 -18.75
C TYR B 222 15.91 -6.84 -19.33
N GLY B 223 16.83 -6.14 -18.65
CA GLY B 223 18.22 -5.98 -19.07
C GLY B 223 18.96 -7.29 -19.23
N HIS B 224 18.50 -8.39 -18.62
CA HIS B 224 19.21 -9.67 -18.77
C HIS B 224 19.11 -10.12 -20.22
N THR B 225 18.16 -9.60 -21.02
CA THR B 225 18.09 -10.05 -22.42
C THR B 225 19.10 -9.34 -23.30
N LEU B 226 19.81 -8.34 -22.75
CA LEU B 226 20.80 -7.58 -23.51
C LEU B 226 22.23 -8.05 -23.40
N ILE B 227 22.48 -8.92 -22.41
CA ILE B 227 23.77 -9.50 -22.11
C ILE B 227 24.33 -10.37 -23.21
N GLN B 228 25.58 -10.06 -23.59
CA GLN B 228 26.29 -10.78 -24.62
C GLN B 228 26.99 -11.94 -23.88
N PRO B 229 27.35 -13.09 -24.45
CA PRO B 229 27.95 -14.20 -23.71
C PRO B 229 29.42 -13.99 -23.42
N PHE B 230 30.07 -12.90 -23.85
CA PHE B 230 31.47 -12.65 -23.61
C PHE B 230 31.82 -11.32 -23.02
N MET B 231 33.01 -11.23 -22.42
CA MET B 231 33.45 -9.96 -21.86
C MET B 231 34.49 -9.64 -22.96
N PHE B 232 34.32 -8.54 -23.67
CA PHE B 232 35.20 -8.12 -24.74
C PHE B 232 36.27 -7.10 -24.32
N ARG B 233 37.51 -7.16 -24.78
CA ARG B 233 38.50 -6.17 -24.37
C ARG B 233 39.27 -5.72 -25.59
N LEU B 234 39.32 -4.42 -25.84
CA LEU B 234 40.04 -3.91 -26.99
C LEU B 234 41.22 -3.05 -26.56
N ASP B 235 42.23 -2.94 -27.42
CA ASP B 235 43.43 -2.16 -27.17
C ASP B 235 43.20 -0.70 -27.63
N ASN B 236 44.21 0.17 -27.50
CA ASN B 236 44.10 1.56 -27.92
C ASN B 236 43.68 1.71 -29.36
N ARG B 237 43.99 0.77 -30.23
CA ARG B 237 43.60 0.86 -31.64
C ARG B 237 42.26 0.15 -31.85
N TYR B 238 41.50 -0.17 -30.80
CA TYR B 238 40.21 -0.84 -30.83
C TYR B 238 40.19 -2.18 -31.56
N GLN B 239 41.30 -2.87 -31.39
CA GLN B 239 41.53 -4.18 -31.96
C GLN B 239 41.47 -5.09 -30.75
N PRO B 240 41.21 -6.39 -30.90
CA PRO B 240 41.15 -7.34 -29.81
C PRO B 240 42.46 -7.36 -29.04
N MET B 241 42.37 -7.26 -27.73
CA MET B 241 43.57 -7.26 -26.95
C MET B 241 44.00 -8.67 -26.65
N GLU B 242 45.26 -8.98 -26.94
CA GLU B 242 45.81 -10.31 -26.70
C GLU B 242 46.48 -10.51 -25.35
N PRO B 243 46.45 -11.76 -24.86
CA PRO B 243 45.49 -12.78 -25.29
C PRO B 243 44.22 -12.53 -24.45
N ASN B 244 43.25 -13.43 -24.54
CA ASN B 244 42.01 -13.31 -23.80
C ASN B 244 41.14 -12.15 -24.25
N PRO B 245 40.98 -11.74 -25.52
CA PRO B 245 40.11 -10.63 -25.86
C PRO B 245 38.61 -10.87 -25.76
N ARG B 246 38.21 -12.12 -25.59
CA ARG B 246 36.81 -12.47 -25.49
C ARG B 246 36.74 -13.52 -24.42
N VAL B 247 36.27 -13.27 -23.21
CA VAL B 247 36.24 -14.35 -22.26
C VAL B 247 34.78 -14.65 -21.90
N PRO B 248 34.41 -15.93 -21.78
CA PRO B 248 33.03 -16.32 -21.54
C PRO B 248 32.62 -15.68 -20.21
N LEU B 249 31.40 -15.14 -20.14
CA LEU B 249 30.92 -14.53 -18.92
C LEU B 249 30.97 -15.47 -17.73
N SER B 250 30.77 -16.79 -17.91
CA SER B 250 30.82 -17.73 -16.77
C SER B 250 32.20 -17.80 -16.13
N ARG B 251 33.19 -17.14 -16.76
CA ARG B 251 34.53 -17.10 -16.24
C ARG B 251 34.80 -15.68 -15.76
N VAL B 252 33.89 -14.70 -15.78
CA VAL B 252 34.18 -13.35 -15.31
C VAL B 252 33.34 -12.95 -14.13
N PHE B 253 32.32 -13.69 -13.71
CA PHE B 253 31.51 -13.29 -12.56
C PHE B 253 32.43 -13.26 -11.36
N PHE B 254 32.34 -12.24 -10.52
CA PHE B 254 33.17 -12.07 -9.35
C PHE B 254 34.67 -12.15 -9.60
N ALA B 255 35.14 -12.05 -10.85
CA ALA B 255 36.56 -12.12 -11.16
C ALA B 255 37.29 -10.78 -11.04
N SER B 256 37.39 -10.25 -9.80
CA SER B 256 38.07 -8.99 -9.52
C SER B 256 39.52 -9.07 -9.98
N TRP B 257 40.09 -10.27 -9.89
CA TRP B 257 41.46 -10.45 -10.32
C TRP B 257 41.68 -10.06 -11.76
N ARG B 258 40.69 -10.07 -12.67
CA ARG B 258 41.00 -9.69 -14.05
C ARG B 258 41.18 -8.17 -14.21
N VAL B 259 40.54 -7.39 -13.33
CA VAL B 259 40.64 -5.94 -13.38
C VAL B 259 42.07 -5.64 -12.92
N VAL B 260 42.46 -6.27 -11.82
CA VAL B 260 43.78 -6.10 -11.24
C VAL B 260 44.95 -6.68 -12.03
N LEU B 261 44.90 -7.91 -12.50
CA LEU B 261 46.01 -8.47 -13.21
C LEU B 261 45.87 -8.57 -14.70
N GLU B 262 44.77 -8.20 -15.34
CA GLU B 262 44.73 -8.33 -16.77
C GLU B 262 44.55 -7.05 -17.57
N GLY B 263 45.15 -5.93 -17.16
CA GLY B 263 44.98 -4.71 -17.97
C GLY B 263 44.18 -3.55 -17.42
N GLY B 264 43.62 -3.66 -16.22
CA GLY B 264 42.86 -2.57 -15.68
C GLY B 264 41.52 -2.36 -16.35
N ILE B 265 40.99 -1.15 -16.25
CA ILE B 265 39.72 -0.92 -16.86
C ILE B 265 39.67 -0.38 -18.25
N ASP B 266 40.72 0.17 -18.84
CA ASP B 266 40.57 0.67 -20.18
C ASP B 266 40.15 -0.32 -21.25
N PRO B 267 40.70 -1.54 -21.39
CA PRO B 267 40.28 -2.49 -22.43
C PRO B 267 38.82 -2.87 -22.23
N ILE B 268 38.35 -2.90 -20.97
CA ILE B 268 36.98 -3.26 -20.69
C ILE B 268 36.11 -2.09 -21.14
N LEU B 269 36.41 -0.82 -20.82
CA LEU B 269 35.54 0.28 -21.27
C LEU B 269 35.51 0.35 -22.79
N ARG B 270 36.63 0.09 -23.43
CA ARG B 270 36.66 0.13 -24.88
C ARG B 270 35.76 -0.93 -25.55
N GLY B 271 35.74 -2.10 -24.92
CA GLY B 271 34.96 -3.25 -25.35
C GLY B 271 33.50 -2.89 -25.16
N LEU B 272 33.15 -2.16 -24.09
CA LEU B 272 31.76 -1.79 -23.89
C LEU B 272 31.33 -0.74 -24.92
N MET B 273 32.24 0.13 -25.39
CA MET B 273 31.85 1.16 -26.36
C MET B 273 31.76 0.71 -27.79
N ALA B 274 32.69 -0.17 -28.22
CA ALA B 274 32.71 -0.66 -29.59
C ALA B 274 32.10 -2.03 -29.87
N THR B 275 31.33 -2.65 -28.95
CA THR B 275 30.72 -3.95 -29.20
C THR B 275 29.21 -3.67 -29.11
N PRO B 276 28.38 -4.24 -29.98
CA PRO B 276 26.95 -4.10 -29.85
C PRO B 276 26.41 -4.91 -28.69
N ALA B 277 25.22 -4.51 -28.23
CA ALA B 277 24.54 -5.20 -27.15
C ALA B 277 23.85 -6.35 -27.90
N LYS B 278 23.32 -7.33 -27.18
CA LYS B 278 22.60 -8.45 -27.80
C LYS B 278 21.20 -7.86 -28.02
N LEU B 279 20.53 -8.16 -29.14
CA LEU B 279 19.20 -7.64 -29.35
C LEU B 279 18.25 -8.68 -28.71
N ASN B 280 17.18 -8.25 -28.04
CA ASN B 280 16.24 -9.17 -27.42
C ASN B 280 15.31 -9.59 -28.55
N ARG B 281 15.17 -10.86 -28.88
CA ARG B 281 14.27 -11.25 -29.96
C ARG B 281 13.36 -12.29 -29.30
N GLN B 282 12.15 -12.48 -29.80
CA GLN B 282 11.19 -13.43 -29.26
C GLN B 282 11.68 -14.86 -29.31
N ASN B 283 12.63 -15.21 -30.17
CA ASN B 283 13.05 -16.59 -30.18
C ASN B 283 14.50 -16.54 -29.69
N GLN B 284 14.99 -15.47 -29.08
CA GLN B 284 16.39 -15.42 -28.63
C GLN B 284 16.37 -14.51 -27.43
N ILE B 285 15.67 -14.96 -26.39
CA ILE B 285 15.57 -14.16 -25.18
C ILE B 285 16.86 -14.01 -24.36
N ALA B 286 17.48 -15.03 -23.78
CA ALA B 286 18.70 -14.84 -22.99
C ALA B 286 19.70 -15.95 -23.21
N VAL B 287 20.99 -15.63 -23.24
CA VAL B 287 22.02 -16.63 -23.46
C VAL B 287 22.28 -17.65 -22.37
N ASP B 288 22.87 -18.74 -22.81
CA ASP B 288 23.19 -19.81 -21.89
C ASP B 288 24.24 -19.48 -20.85
N GLU B 289 25.13 -18.49 -21.06
CA GLU B 289 26.13 -18.13 -20.06
C GLU B 289 25.40 -17.65 -18.81
N ILE B 290 24.16 -17.16 -18.90
CA ILE B 290 23.42 -16.71 -17.72
C ILE B 290 22.27 -17.68 -17.44
N ARG B 291 21.86 -18.48 -18.42
CA ARG B 291 20.77 -19.43 -18.24
C ARG B 291 21.24 -20.79 -17.71
N GLU B 292 22.49 -21.14 -17.98
CA GLU B 292 23.12 -22.42 -17.59
C GLU B 292 24.32 -22.39 -16.68
N ARG B 293 25.12 -21.35 -16.89
CA ARG B 293 26.36 -21.17 -16.13
C ARG B 293 26.47 -19.98 -15.18
N LEU B 294 25.38 -19.36 -14.77
CA LEU B 294 25.50 -18.24 -13.88
C LEU B 294 26.20 -18.60 -12.58
N PHE B 295 27.31 -17.93 -12.23
CA PHE B 295 28.07 -18.16 -10.98
C PHE B 295 28.53 -19.58 -10.74
N GLU B 296 28.77 -20.19 -11.89
CA GLU B 296 29.23 -21.55 -11.98
C GLU B 296 30.52 -21.71 -11.20
N GLN B 297 31.49 -20.78 -11.28
CA GLN B 297 32.74 -20.91 -10.55
C GLN B 297 32.62 -20.73 -9.05
N VAL B 298 31.56 -20.16 -8.54
CA VAL B 298 31.48 -19.98 -7.13
C VAL B 298 30.26 -20.64 -6.51
N MET B 299 29.47 -21.45 -7.20
CA MET B 299 28.30 -22.08 -6.58
C MET B 299 28.46 -23.57 -6.80
N ARG B 300 27.74 -24.47 -6.10
CA ARG B 300 27.94 -25.89 -6.37
C ARG B 300 27.39 -26.25 -7.73
N ILE B 301 26.49 -25.45 -8.33
CA ILE B 301 25.91 -25.75 -9.64
C ILE B 301 25.66 -24.39 -10.32
N GLY B 302 25.72 -24.31 -11.65
CA GLY B 302 25.48 -23.08 -12.37
C GLY B 302 23.99 -22.74 -12.24
N LEU B 303 23.66 -21.50 -11.89
CA LEU B 303 22.28 -21.06 -11.72
C LEU B 303 21.67 -20.66 -13.06
N ASP B 304 20.36 -20.45 -13.09
CA ASP B 304 19.66 -20.06 -14.30
C ASP B 304 19.06 -18.70 -13.96
N LEU B 305 19.56 -17.58 -14.52
CA LEU B 305 19.01 -16.28 -14.19
C LEU B 305 17.59 -16.05 -14.67
N PRO B 306 17.15 -16.27 -15.91
CA PRO B 306 15.72 -16.26 -16.25
C PRO B 306 14.80 -17.01 -15.29
N ALA B 307 15.22 -18.22 -14.84
CA ALA B 307 14.37 -19.00 -13.94
C ALA B 307 14.42 -18.40 -12.57
N LEU B 308 15.52 -17.77 -12.14
CA LEU B 308 15.56 -17.17 -10.81
C LEU B 308 14.65 -15.95 -10.82
N ASN B 309 14.56 -15.26 -11.96
CA ASN B 309 13.71 -14.08 -12.07
C ASN B 309 12.25 -14.41 -11.88
N MET B 310 11.82 -15.56 -12.46
CA MET B 310 10.42 -15.98 -12.34
C MET B 310 10.20 -16.51 -10.95
N GLN B 311 11.11 -17.29 -10.40
CA GLN B 311 10.91 -17.79 -9.05
C GLN B 311 10.88 -16.60 -8.09
N ARG B 312 11.68 -15.52 -8.34
CA ARG B 312 11.70 -14.36 -7.44
C ARG B 312 10.35 -13.64 -7.45
N SER B 313 9.71 -13.60 -8.63
CA SER B 313 8.44 -12.94 -8.64
C SER B 313 7.43 -13.72 -7.82
N ARG B 314 7.56 -15.08 -7.73
CA ARG B 314 6.60 -15.87 -6.95
C ARG B 314 6.97 -15.65 -5.49
N ASP B 315 8.26 -15.62 -5.17
CA ASP B 315 8.66 -15.38 -3.78
C ASP B 315 8.11 -14.01 -3.32
N HIS B 316 8.11 -13.00 -4.21
CA HIS B 316 7.61 -11.68 -3.88
C HIS B 316 6.10 -11.53 -4.00
N GLY B 317 5.38 -12.59 -4.38
CA GLY B 317 3.93 -12.58 -4.52
C GLY B 317 3.46 -11.62 -5.59
N LEU B 318 4.16 -11.49 -6.70
CA LEU B 318 3.71 -10.56 -7.70
C LEU B 318 2.59 -11.11 -8.54
N PRO B 319 1.51 -10.33 -8.83
CA PRO B 319 0.51 -10.68 -9.82
C PRO B 319 1.13 -11.06 -11.18
N GLY B 320 0.40 -11.86 -11.96
CA GLY B 320 0.84 -12.33 -13.26
C GLY B 320 0.59 -11.27 -14.32
N TYR B 321 1.01 -11.62 -15.53
CA TYR B 321 0.90 -10.76 -16.69
C TYR B 321 -0.37 -9.93 -16.92
N ASN B 322 -1.55 -10.55 -16.96
CA ASN B 322 -2.76 -9.80 -17.19
C ASN B 322 -3.07 -8.79 -16.12
N ALA B 323 -2.78 -9.11 -14.85
CA ALA B 323 -3.04 -8.17 -13.80
C ALA B 323 -2.17 -6.94 -14.07
N TRP B 324 -0.91 -7.06 -14.53
CA TRP B 324 -0.06 -5.91 -14.79
C TRP B 324 -0.48 -5.18 -16.07
N ARG B 325 -0.96 -5.86 -17.12
CA ARG B 325 -1.41 -5.21 -18.37
C ARG B 325 -2.66 -4.41 -17.93
N ARG B 326 -3.59 -4.89 -17.10
CA ARG B 326 -4.77 -4.16 -16.67
C ARG B 326 -4.36 -2.93 -15.85
N PHE B 327 -3.34 -3.05 -14.99
CA PHE B 327 -2.87 -1.93 -14.18
C PHE B 327 -2.41 -0.81 -15.12
N CYS B 328 -1.77 -1.17 -16.22
CA CYS B 328 -1.30 -0.21 -17.18
C CYS B 328 -2.38 0.21 -18.15
N GLY B 329 -3.61 -0.28 -18.04
CA GLY B 329 -4.64 0.11 -18.97
C GLY B 329 -4.39 -0.52 -20.36
N LEU B 330 -3.79 -1.69 -20.47
CA LEU B 330 -3.53 -2.35 -21.74
C LEU B 330 -4.53 -3.53 -21.89
N PRO B 331 -4.99 -3.95 -23.06
CA PRO B 331 -5.88 -5.09 -23.27
C PRO B 331 -5.32 -6.33 -22.62
N GLN B 332 -6.13 -7.12 -21.93
CA GLN B 332 -5.64 -8.32 -21.30
C GLN B 332 -6.07 -9.50 -22.17
N PRO B 333 -5.14 -10.19 -22.83
CA PRO B 333 -5.44 -11.37 -23.63
C PRO B 333 -5.90 -12.55 -22.75
N GLU B 334 -7.01 -13.17 -23.11
CA GLU B 334 -7.56 -14.30 -22.37
C GLU B 334 -7.36 -15.62 -23.06
N THR B 335 -7.32 -15.57 -24.39
CA THR B 335 -7.15 -16.77 -25.21
C THR B 335 -5.84 -16.79 -25.93
N VAL B 336 -5.43 -17.96 -26.44
CA VAL B 336 -4.17 -18.04 -27.16
C VAL B 336 -4.26 -17.19 -28.43
N GLY B 337 -5.43 -16.97 -29.03
CA GLY B 337 -5.51 -16.16 -30.25
C GLY B 337 -5.23 -14.68 -29.94
N GLN B 338 -5.83 -14.26 -28.84
CA GLN B 338 -5.69 -12.91 -28.34
C GLN B 338 -4.25 -12.73 -27.89
N LEU B 339 -3.60 -13.73 -27.27
CA LEU B 339 -2.23 -13.59 -26.83
C LEU B 339 -1.38 -13.55 -28.07
N GLY B 340 -1.70 -14.23 -29.17
CA GLY B 340 -0.88 -14.19 -30.38
C GLY B 340 -0.96 -12.83 -31.04
N THR B 341 -2.10 -12.16 -30.93
CA THR B 341 -2.27 -10.82 -31.50
C THR B 341 -1.47 -9.86 -30.63
N VAL B 342 -1.54 -9.89 -29.30
CA VAL B 342 -0.78 -8.99 -28.45
C VAL B 342 0.70 -9.13 -28.74
N LEU B 343 1.14 -10.35 -28.84
CA LEU B 343 2.52 -10.65 -29.09
C LEU B 343 3.00 -10.57 -30.52
N ARG B 344 2.11 -10.57 -31.51
CA ARG B 344 2.47 -10.53 -32.94
C ARG B 344 3.30 -11.79 -33.18
N ASN B 345 2.91 -12.88 -32.53
CA ASN B 345 3.63 -14.11 -32.68
C ASN B 345 2.76 -15.17 -32.02
N LEU B 346 2.10 -15.92 -32.87
CA LEU B 346 1.22 -16.96 -32.40
C LEU B 346 1.98 -18.18 -31.88
N LYS B 347 3.14 -18.51 -32.42
CA LYS B 347 3.87 -19.67 -31.95
C LYS B 347 4.30 -19.42 -30.52
N LEU B 348 4.81 -18.22 -30.23
CA LEU B 348 5.24 -17.86 -28.89
C LEU B 348 4.01 -17.95 -27.99
N ALA B 349 2.85 -17.48 -28.45
CA ALA B 349 1.64 -17.52 -27.64
C ALA B 349 1.22 -18.94 -27.24
N ARG B 350 1.25 -19.89 -28.19
CA ARG B 350 0.88 -21.28 -27.91
C ARG B 350 1.89 -21.83 -26.92
N LYS B 351 3.20 -21.59 -27.10
CA LYS B 351 4.22 -22.08 -26.18
C LYS B 351 3.95 -21.53 -24.77
N LEU B 352 3.64 -20.23 -24.64
CA LEU B 352 3.37 -19.67 -23.32
C LEU B 352 2.12 -20.35 -22.73
N MET B 353 1.02 -20.55 -23.47
CA MET B 353 -0.19 -21.20 -22.98
C MET B 353 0.09 -22.67 -22.64
N GLU B 354 1.01 -23.35 -23.28
CA GLU B 354 1.28 -24.72 -22.95
C GLU B 354 1.89 -24.81 -21.57
N GLN B 355 2.77 -23.88 -21.24
CA GLN B 355 3.45 -23.85 -19.95
C GLN B 355 2.62 -23.27 -18.85
N TYR B 356 1.91 -22.17 -19.14
CA TYR B 356 1.12 -21.55 -18.08
C TYR B 356 -0.34 -21.83 -17.99
N GLY B 357 -1.01 -22.30 -19.06
CA GLY B 357 -2.42 -22.58 -18.99
C GLY B 357 -3.27 -21.37 -19.25
N THR B 358 -3.07 -20.28 -18.51
CA THR B 358 -3.81 -19.03 -18.66
C THR B 358 -2.83 -17.85 -18.73
N PRO B 359 -3.07 -16.72 -19.44
CA PRO B 359 -2.23 -15.51 -19.41
C PRO B 359 -2.22 -14.88 -18.03
N ASN B 360 -3.21 -15.19 -17.19
CA ASN B 360 -3.25 -14.61 -15.86
C ASN B 360 -2.12 -15.10 -14.99
N ASN B 361 -1.47 -16.19 -15.40
CA ASN B 361 -0.38 -16.78 -14.64
C ASN B 361 0.98 -16.58 -15.19
N ILE B 362 1.16 -15.95 -16.36
CA ILE B 362 2.49 -15.75 -16.91
C ILE B 362 3.22 -14.82 -15.92
N ASP B 363 4.44 -15.19 -15.49
CA ASP B 363 5.19 -14.39 -14.56
C ASP B 363 5.52 -13.06 -15.23
N ILE B 364 5.50 -11.94 -14.49
CA ILE B 364 5.79 -10.63 -15.08
C ILE B 364 7.07 -10.51 -15.90
N TRP B 365 8.22 -11.07 -15.51
CA TRP B 365 9.42 -10.92 -16.33
C TRP B 365 9.22 -11.66 -17.63
N MET B 366 8.68 -12.90 -17.61
CA MET B 366 8.49 -13.66 -18.85
C MET B 366 7.52 -13.00 -19.80
N GLY B 367 6.36 -12.50 -19.34
CA GLY B 367 5.44 -11.88 -20.26
C GLY B 367 5.98 -10.59 -20.82
N GLY B 368 6.60 -9.83 -19.92
CA GLY B 368 7.20 -8.54 -20.20
C GLY B 368 8.26 -8.65 -21.26
N VAL B 369 9.26 -9.52 -21.14
CA VAL B 369 10.26 -9.62 -22.17
C VAL B 369 9.83 -10.27 -23.46
N SER B 370 8.62 -10.85 -23.52
CA SER B 370 8.12 -11.49 -24.72
C SER B 370 7.41 -10.53 -25.66
N GLU B 371 6.99 -9.36 -25.17
CA GLU B 371 6.30 -8.42 -26.03
C GLU B 371 7.20 -7.85 -27.08
N PRO B 372 6.70 -7.56 -28.30
CA PRO B 372 7.42 -6.83 -29.33
C PRO B 372 7.76 -5.43 -28.82
N LEU B 373 9.00 -5.14 -29.15
CA LEU B 373 9.66 -3.90 -28.83
C LEU B 373 9.06 -2.67 -29.47
N LYS B 374 8.86 -1.64 -28.66
CA LYS B 374 8.30 -0.40 -29.15
C LYS B 374 9.30 0.16 -30.14
N ARG B 375 8.84 0.91 -31.14
CA ARG B 375 9.71 1.51 -32.15
C ARG B 375 10.72 2.43 -31.48
N LYS B 376 11.98 2.13 -31.77
CA LYS B 376 13.18 2.82 -31.29
C LYS B 376 13.40 2.68 -29.79
N GLY B 377 12.75 1.68 -29.23
CA GLY B 377 12.80 1.35 -27.83
C GLY B 377 13.26 -0.09 -27.72
N ARG B 378 13.53 -0.52 -26.50
CA ARG B 378 13.97 -1.87 -26.29
C ARG B 378 13.15 -2.66 -25.28
N VAL B 379 11.91 -2.24 -25.11
CA VAL B 379 10.98 -2.90 -24.23
C VAL B 379 9.66 -2.76 -24.96
N GLY B 380 8.71 -3.63 -24.60
CA GLY B 380 7.39 -3.60 -25.20
C GLY B 380 6.48 -2.67 -24.36
N PRO B 381 5.19 -2.59 -24.66
CA PRO B 381 4.27 -1.75 -23.89
C PRO B 381 4.10 -1.96 -22.38
N LEU B 382 4.18 -3.17 -21.85
CA LEU B 382 4.01 -3.42 -20.42
C LEU B 382 5.23 -2.94 -19.65
N LEU B 383 6.41 -3.35 -20.07
CA LEU B 383 7.62 -2.92 -19.41
C LEU B 383 7.73 -1.40 -19.62
N ALA B 384 7.39 -0.77 -20.77
CA ALA B 384 7.50 0.67 -20.93
C ALA B 384 6.60 1.33 -19.90
N CYS B 385 5.43 0.75 -19.61
CA CYS B 385 4.55 1.34 -18.65
C CYS B 385 5.13 1.28 -17.26
N ILE B 386 5.63 0.13 -16.82
CA ILE B 386 6.19 0.00 -15.50
C ILE B 386 7.50 0.75 -15.33
N ILE B 387 8.46 0.66 -16.24
CA ILE B 387 9.70 1.39 -16.08
C ILE B 387 9.40 2.92 -16.19
N GLY B 388 8.60 3.35 -17.17
CA GLY B 388 8.25 4.73 -17.37
C GLY B 388 7.58 5.27 -16.12
N THR B 389 6.58 4.57 -15.56
CA THR B 389 5.95 5.06 -14.37
C THR B 389 6.91 5.19 -13.19
N GLN B 390 7.82 4.22 -13.05
CA GLN B 390 8.76 4.30 -11.96
C GLN B 390 9.75 5.47 -12.10
N PHE B 391 10.35 5.71 -13.27
CA PHE B 391 11.28 6.80 -13.41
C PHE B 391 10.58 8.15 -13.34
N ARG B 392 9.28 8.22 -13.65
CA ARG B 392 8.57 9.48 -13.54
C ARG B 392 8.50 9.78 -12.05
N LYS B 393 8.19 8.82 -11.19
CA LYS B 393 8.10 9.07 -9.74
C LYS B 393 9.40 9.39 -9.03
N LEU B 394 10.49 8.79 -9.47
CA LEU B 394 11.79 9.01 -8.88
C LEU B 394 12.24 10.42 -9.23
N ARG B 395 11.81 10.97 -10.37
CA ARG B 395 12.17 12.32 -10.80
C ARG B 395 11.24 13.32 -10.15
N ASP B 396 9.92 13.22 -10.22
CA ASP B 396 9.07 14.22 -9.59
C ASP B 396 8.97 14.17 -8.11
N GLY B 397 9.33 13.03 -7.53
CA GLY B 397 9.23 12.94 -6.10
C GLY B 397 10.57 13.10 -5.45
N ASP B 398 11.60 13.49 -6.20
CA ASP B 398 12.92 13.67 -5.61
C ASP B 398 13.12 15.19 -5.29
N ARG B 399 13.23 15.63 -4.03
CA ARG B 399 13.44 17.05 -3.71
C ARG B 399 14.79 17.53 -4.26
N PHE B 400 15.76 16.62 -4.45
CA PHE B 400 17.07 16.99 -4.96
C PHE B 400 17.22 16.69 -6.46
N TRP B 401 16.18 16.64 -7.31
CA TRP B 401 16.34 16.37 -8.74
C TRP B 401 17.24 17.56 -9.19
N TRP B 402 18.23 17.36 -10.06
CA TRP B 402 19.10 18.44 -10.48
C TRP B 402 18.50 19.69 -11.09
N GLU B 403 17.30 19.60 -11.64
CA GLU B 403 16.65 20.75 -12.24
C GLU B 403 15.71 21.34 -11.23
N ASN B 404 15.62 20.85 -10.02
CA ASN B 404 14.71 21.42 -9.05
C ASN B 404 15.32 22.73 -8.60
N GLU B 405 14.48 23.73 -8.62
CA GLU B 405 14.87 25.07 -8.23
C GLU B 405 15.54 25.07 -6.87
N GLY B 406 16.76 25.62 -6.85
CA GLY B 406 17.52 25.69 -5.62
C GLY B 406 18.52 24.59 -5.39
N VAL B 407 18.62 23.53 -6.19
CA VAL B 407 19.60 22.48 -5.92
C VAL B 407 20.88 23.04 -6.48
N PHE B 408 20.87 23.50 -7.74
CA PHE B 408 22.03 24.07 -8.37
C PHE B 408 21.64 25.47 -8.87
N SER B 409 22.65 26.33 -9.07
CA SER B 409 22.42 27.67 -9.54
C SER B 409 22.10 27.50 -11.01
N MET B 410 21.62 28.58 -11.61
CA MET B 410 21.28 28.55 -13.00
C MET B 410 22.55 28.32 -13.81
N GLN B 411 23.63 28.94 -13.36
CA GLN B 411 24.91 28.82 -14.04
C GLN B 411 25.49 27.40 -13.90
N GLN B 412 25.25 26.75 -12.77
CA GLN B 412 25.75 25.42 -12.54
C GLN B 412 24.95 24.48 -13.42
N ARG B 413 23.63 24.64 -13.53
CA ARG B 413 22.80 23.79 -14.35
C ARG B 413 23.19 23.86 -15.79
N GLN B 414 23.56 25.04 -16.25
CA GLN B 414 23.97 25.24 -17.63
C GLN B 414 25.28 24.50 -17.82
N ALA B 415 26.17 24.51 -16.81
CA ALA B 415 27.44 23.81 -16.96
C ALA B 415 27.21 22.30 -16.94
N LEU B 416 26.28 21.79 -16.10
CA LEU B 416 26.01 20.36 -16.02
C LEU B 416 25.40 19.83 -17.27
N ALA B 417 24.56 20.59 -17.95
CA ALA B 417 23.94 20.14 -19.19
C ALA B 417 24.97 19.76 -20.27
N GLN B 418 26.26 20.05 -20.08
CA GLN B 418 27.31 19.73 -21.03
C GLN B 418 27.99 18.38 -20.73
N ILE B 419 27.71 17.72 -19.61
CA ILE B 419 28.39 16.45 -19.33
C ILE B 419 27.93 15.29 -20.19
N SER B 420 28.83 14.38 -20.47
CA SER B 420 28.48 13.25 -21.25
C SER B 420 29.38 12.18 -20.68
N LEU B 421 28.91 10.93 -20.73
CA LEU B 421 29.68 9.81 -20.24
C LEU B 421 30.92 9.71 -21.14
N PRO B 422 30.99 9.88 -22.49
CA PRO B 422 32.25 9.89 -23.24
C PRO B 422 33.29 10.83 -22.61
N ARG B 423 32.89 12.01 -22.10
CA ARG B 423 33.82 12.95 -21.49
C ARG B 423 34.36 12.41 -20.17
N ILE B 424 33.50 11.81 -19.33
CA ILE B 424 33.95 11.25 -18.05
C ILE B 424 34.99 10.15 -18.34
N ILE B 425 34.89 9.39 -19.44
CA ILE B 425 35.86 8.35 -19.76
C ILE B 425 37.13 9.10 -20.18
N CYS B 426 37.08 10.10 -21.05
CA CYS B 426 38.28 10.84 -21.44
C CYS B 426 39.03 11.37 -20.22
N ASP B 427 38.29 11.89 -19.26
CA ASP B 427 38.92 12.43 -18.08
C ASP B 427 39.45 11.45 -17.07
N ASN B 428 39.01 10.19 -17.02
CA ASN B 428 39.54 9.32 -16.00
C ASN B 428 40.23 8.11 -16.46
N THR B 429 40.61 8.03 -17.73
CA THR B 429 41.27 6.84 -18.18
C THR B 429 42.35 7.24 -19.19
N GLY B 430 43.04 6.29 -19.81
CA GLY B 430 44.06 6.59 -20.78
C GLY B 430 43.43 6.43 -22.17
N ILE B 431 42.10 6.42 -22.32
CA ILE B 431 41.52 6.24 -23.66
C ILE B 431 41.41 7.64 -24.28
N THR B 432 41.84 7.87 -25.51
CA THR B 432 41.75 9.18 -26.13
C THR B 432 40.78 9.26 -27.30
N THR B 433 40.21 8.16 -27.80
CA THR B 433 39.26 8.16 -28.90
C THR B 433 38.12 7.49 -28.19
N VAL B 434 36.98 8.16 -28.18
CA VAL B 434 35.80 7.67 -27.52
C VAL B 434 34.57 7.70 -28.43
N SER B 435 33.48 7.06 -28.05
CA SER B 435 32.29 7.07 -28.87
C SER B 435 31.68 8.45 -28.96
N LYS B 436 31.04 8.72 -30.08
CA LYS B 436 30.37 9.97 -30.31
C LYS B 436 29.12 9.79 -29.45
N ASN B 437 28.53 10.89 -29.02
CA ASN B 437 27.35 10.75 -28.23
C ASN B 437 26.27 10.43 -29.24
N ASN B 438 25.17 9.72 -29.04
CA ASN B 438 24.80 9.10 -27.78
C ASN B 438 25.62 7.84 -27.65
N ILE B 439 26.35 7.72 -26.54
CA ILE B 439 27.18 6.56 -26.32
C ILE B 439 26.38 5.24 -26.26
N PHE B 440 25.09 5.24 -25.88
CA PHE B 440 24.31 4.01 -25.81
C PHE B 440 23.90 3.51 -27.19
N MET B 441 24.07 4.34 -28.19
CA MET B 441 23.72 3.97 -29.55
C MET B 441 24.97 3.64 -30.35
N SER B 442 25.95 4.56 -30.24
CA SER B 442 27.24 4.45 -30.90
C SER B 442 27.94 3.14 -30.58
N ASN B 443 28.47 2.46 -31.59
CA ASN B 443 29.16 1.19 -31.32
C ASN B 443 30.10 0.75 -32.45
N SER B 444 30.23 1.55 -33.51
CA SER B 444 31.09 1.14 -34.61
C SER B 444 32.36 1.92 -34.74
N TYR B 445 33.50 1.32 -34.46
CA TYR B 445 34.79 2.00 -34.56
C TYR B 445 35.29 1.94 -35.99
N PRO B 446 35.91 2.93 -36.66
CA PRO B 446 36.15 4.28 -36.17
C PRO B 446 35.03 5.26 -36.47
N ARG B 447 34.05 4.78 -37.21
CA ARG B 447 32.89 5.52 -37.64
C ARG B 447 32.16 6.38 -36.63
N ASP B 448 31.84 5.79 -35.50
CA ASP B 448 31.13 6.46 -34.44
C ASP B 448 32.05 6.96 -33.36
N PHE B 449 33.33 7.13 -33.66
CA PHE B 449 34.25 7.58 -32.64
C PHE B 449 34.86 8.93 -32.95
N VAL B 450 35.18 9.66 -31.88
CA VAL B 450 35.77 10.98 -31.92
C VAL B 450 36.92 11.06 -30.95
N ASN B 451 37.87 11.98 -31.16
CA ASN B 451 38.99 12.10 -30.25
C ASN B 451 38.48 12.93 -29.10
N CYS B 452 38.88 12.58 -27.90
CA CYS B 452 38.52 13.24 -26.67
C CYS B 452 38.58 14.76 -26.66
N SER B 453 39.50 15.35 -27.42
CA SER B 453 39.66 16.78 -27.49
C SER B 453 38.50 17.48 -28.15
N THR B 454 37.59 16.77 -28.81
CA THR B 454 36.50 17.46 -29.44
C THR B 454 35.33 17.58 -28.50
N LEU B 455 35.43 16.92 -27.35
CA LEU B 455 34.37 16.93 -26.36
C LEU B 455 34.51 18.04 -25.35
N PRO B 456 33.45 18.78 -25.04
CA PRO B 456 33.50 19.83 -24.05
C PRO B 456 33.72 19.25 -22.69
N ALA B 457 34.49 19.96 -21.90
CA ALA B 457 34.78 19.51 -20.56
C ALA B 457 33.76 20.16 -19.63
N LEU B 458 33.65 19.71 -18.39
CA LEU B 458 32.69 20.27 -17.44
C LEU B 458 33.40 21.51 -16.90
N ASN B 459 32.83 22.68 -17.09
CA ASN B 459 33.41 23.90 -16.60
C ASN B 459 32.94 24.17 -15.18
N LEU B 460 33.87 23.96 -14.24
CA LEU B 460 33.55 24.18 -12.84
C LEU B 460 33.60 25.61 -12.33
N ALA B 461 33.82 26.60 -13.22
CA ALA B 461 33.89 28.02 -12.80
C ALA B 461 32.78 28.49 -11.92
N SER B 462 31.54 28.08 -12.18
CA SER B 462 30.39 28.49 -11.38
C SER B 462 30.37 27.96 -9.97
N TRP B 463 31.29 27.03 -9.63
CA TRP B 463 31.37 26.47 -8.29
C TRP B 463 32.35 27.32 -7.43
N ARG B 464 33.12 28.29 -7.96
CA ARG B 464 34.01 29.10 -7.14
C ARG B 464 33.11 30.00 -6.28
N GLU B 465 33.29 29.89 -4.98
CA GLU B 465 32.55 30.63 -3.99
C GLU B 465 33.27 31.94 -3.81
N ALA B 466 32.66 32.99 -4.32
CA ALA B 466 33.24 34.32 -4.22
C ALA B 466 32.77 34.91 -2.89
N CYS C 3 -8.90 -21.78 -1.59
CA CYS C 3 -10.29 -21.35 -1.71
C CYS C 3 -11.05 -22.40 -2.51
N PRO C 4 -12.10 -23.00 -1.97
CA PRO C 4 -12.90 -23.97 -2.68
C PRO C 4 -13.46 -23.47 -4.01
N GLU C 5 -13.24 -24.29 -5.04
CA GLU C 5 -13.67 -24.03 -6.39
C GLU C 5 -15.15 -23.71 -6.51
N GLN C 6 -16.06 -24.03 -5.58
CA GLN C 6 -17.46 -23.69 -5.80
C GLN C 6 -17.87 -23.35 -4.37
N ASP C 7 -18.56 -22.25 -4.11
CA ASP C 7 -18.97 -21.89 -2.76
C ASP C 7 -20.22 -21.03 -2.88
N LYS C 8 -21.29 -21.47 -2.25
CA LYS C 8 -22.52 -20.72 -2.32
C LYS C 8 -22.68 -19.71 -1.22
N TYR C 9 -21.88 -19.77 -0.16
CA TYR C 9 -22.00 -18.85 0.93
C TYR C 9 -20.68 -18.16 1.25
N ARG C 10 -20.74 -17.02 1.93
CA ARG C 10 -19.51 -16.31 2.27
C ARG C 10 -18.88 -17.04 3.43
N THR C 11 -17.56 -16.96 3.56
CA THR C 11 -16.95 -17.60 4.71
C THR C 11 -17.28 -16.60 5.82
N ILE C 12 -17.13 -16.89 7.09
CA ILE C 12 -17.42 -16.00 8.20
C ILE C 12 -16.40 -14.86 8.28
N THR C 13 -15.19 -15.25 8.01
CA THR C 13 -14.00 -14.44 8.00
C THR C 13 -13.83 -13.55 6.77
N GLY C 14 -14.47 -13.85 5.64
CA GLY C 14 -14.32 -13.03 4.45
C GLY C 14 -13.22 -13.53 3.54
N MET C 15 -12.38 -14.45 4.02
CA MET C 15 -11.31 -15.01 3.24
C MET C 15 -11.96 -15.75 2.08
N CYS C 16 -11.21 -15.79 0.98
CA CYS C 16 -11.58 -16.42 -0.27
C CYS C 16 -12.63 -15.68 -1.09
N ASN C 17 -13.04 -14.48 -0.69
CA ASN C 17 -14.03 -13.67 -1.44
C ASN C 17 -13.28 -13.27 -2.71
N ASN C 18 -12.02 -12.82 -2.62
CA ASN C 18 -11.26 -12.44 -3.80
C ASN C 18 -10.41 -13.73 -3.93
N ARG C 19 -10.51 -14.45 -5.02
CA ARG C 19 -9.75 -15.66 -5.16
C ARG C 19 -8.30 -15.42 -5.48
N ARG C 20 -7.94 -14.31 -6.13
CA ARG C 20 -6.53 -14.09 -6.42
C ARG C 20 -5.74 -13.61 -5.22
N SER C 21 -6.36 -12.91 -4.30
CA SER C 21 -5.63 -12.44 -3.16
C SER C 21 -6.60 -12.62 -1.97
N PRO C 22 -6.64 -13.86 -1.40
CA PRO C 22 -7.79 -14.30 -0.63
C PRO C 22 -7.95 -13.67 0.72
N THR C 23 -6.97 -12.94 1.25
CA THR C 23 -7.22 -12.34 2.56
C THR C 23 -7.83 -10.92 2.31
N LEU C 24 -8.02 -10.37 1.10
CA LEU C 24 -8.58 -9.02 0.88
C LEU C 24 -10.02 -8.87 1.34
N GLY C 25 -10.20 -8.04 2.38
CA GLY C 25 -11.53 -7.83 2.90
C GLY C 25 -11.74 -8.76 4.11
N ALA C 26 -10.83 -9.71 4.37
CA ALA C 26 -10.91 -10.66 5.46
C ALA C 26 -10.59 -10.02 6.80
N SER C 27 -11.14 -10.54 7.89
CA SER C 27 -10.90 -9.97 9.22
C SER C 27 -9.48 -10.19 9.74
N ASN C 28 -9.10 -9.37 10.72
CA ASN C 28 -7.82 -9.38 11.37
C ASN C 28 -6.66 -9.27 10.42
N ARG C 29 -6.81 -8.28 9.55
CA ARG C 29 -5.81 -7.94 8.53
C ARG C 29 -5.60 -6.43 8.64
N ALA C 30 -4.45 -5.93 8.23
CA ALA C 30 -4.13 -4.52 8.28
C ALA C 30 -4.89 -3.74 7.23
N PHE C 31 -5.25 -2.50 7.55
CA PHE C 31 -5.97 -1.63 6.63
C PHE C 31 -5.11 -1.34 5.42
N VAL C 32 -5.72 -0.93 4.31
CA VAL C 32 -4.92 -0.59 3.15
C VAL C 32 -4.72 0.94 3.37
N ARG C 33 -3.66 1.57 2.88
CA ARG C 33 -3.47 2.99 3.07
C ARG C 33 -3.65 3.68 1.74
N TRP C 34 -4.48 4.71 1.58
CA TRP C 34 -4.62 5.38 0.29
C TRP C 34 -3.49 6.42 0.17
N LEU C 35 -2.85 6.87 1.25
CA LEU C 35 -1.74 7.85 1.20
C LEU C 35 -0.69 7.35 2.19
N PRO C 36 0.63 7.54 1.99
CA PRO C 36 1.66 7.19 2.97
C PRO C 36 1.36 7.86 4.32
N ALA C 37 1.65 7.14 5.41
CA ALA C 37 1.42 7.64 6.75
C ALA C 37 2.35 8.78 7.13
N GLU C 38 1.88 9.60 8.06
CA GLU C 38 2.61 10.76 8.55
C GLU C 38 2.70 10.68 10.07
N TYR C 39 3.88 10.32 10.50
CA TYR C 39 4.23 10.15 11.90
C TYR C 39 5.38 11.09 12.28
N GLU C 40 5.47 11.52 13.53
CA GLU C 40 6.52 12.41 14.03
C GLU C 40 7.95 11.94 13.67
N ASP C 41 8.25 10.63 13.80
CA ASP C 41 9.56 10.08 13.48
C ASP C 41 9.59 9.45 12.08
N GLY C 42 8.49 9.52 11.33
CA GLY C 42 8.44 8.95 10.00
C GLY C 42 7.83 7.54 10.00
N PHE C 43 7.88 6.74 11.09
CA PHE C 43 7.28 5.40 11.01
C PHE C 43 6.43 4.88 12.18
N SER C 44 6.39 5.49 13.37
CA SER C 44 5.54 4.93 14.41
C SER C 44 4.92 5.87 15.41
N LEU C 45 5.69 6.89 15.76
CA LEU C 45 5.25 7.89 16.72
C LEU C 45 4.29 8.94 16.20
N PRO C 46 3.19 9.15 16.92
CA PRO C 46 2.13 10.05 16.54
C PRO C 46 2.43 11.55 16.66
N TYR C 47 1.93 12.44 15.78
CA TYR C 47 2.20 13.85 15.96
C TYR C 47 1.54 14.21 17.29
N GLY C 48 2.34 14.89 18.11
CA GLY C 48 1.90 15.28 19.41
C GLY C 48 2.60 14.38 20.43
N TRP C 49 3.45 13.42 20.06
CA TRP C 49 4.11 12.57 21.03
C TRP C 49 5.16 13.41 21.78
N THR C 50 6.19 13.91 21.09
CA THR C 50 7.25 14.72 21.68
C THR C 50 6.94 16.19 21.73
N PRO C 51 6.96 16.81 22.91
CA PRO C 51 6.60 18.22 23.10
C PRO C 51 7.65 19.03 22.36
N GLY C 52 7.21 20.04 21.61
CA GLY C 52 8.16 20.83 20.88
C GLY C 52 8.35 20.35 19.46
N VAL C 53 7.93 19.14 19.08
CA VAL C 53 8.15 18.78 17.69
C VAL C 53 6.96 19.30 16.91
N LYS C 54 7.29 20.04 15.88
CA LYS C 54 6.33 20.65 14.98
C LYS C 54 5.94 19.74 13.82
N ARG C 55 4.75 19.92 13.27
CA ARG C 55 4.27 19.15 12.16
C ARG C 55 4.30 20.18 11.04
N ASN C 56 5.18 19.94 10.09
CA ASN C 56 5.39 20.79 8.93
C ASN C 56 5.47 22.31 9.18
N GLY C 57 6.33 22.60 10.17
CA GLY C 57 6.60 23.96 10.58
C GLY C 57 5.62 24.56 11.53
N PHE C 58 4.60 23.87 12.01
CA PHE C 58 3.67 24.49 12.93
C PHE C 58 3.54 23.60 14.15
N PRO C 59 3.38 24.11 15.35
CA PRO C 59 3.07 23.30 16.51
C PRO C 59 1.77 22.50 16.34
N VAL C 60 1.74 21.31 16.93
CA VAL C 60 0.58 20.42 16.86
C VAL C 60 -0.54 20.95 17.72
N ALA C 61 -1.79 21.07 17.29
CA ALA C 61 -2.78 21.60 18.22
C ALA C 61 -3.25 20.52 19.17
N LEU C 62 -3.61 20.75 20.42
CA LEU C 62 -4.08 19.70 21.29
C LEU C 62 -5.48 19.37 20.80
N ALA C 63 -5.86 18.09 20.67
CA ALA C 63 -7.20 17.72 20.19
C ALA C 63 -8.30 18.23 21.12
N ARG C 64 -8.12 18.22 22.45
CA ARG C 64 -9.15 18.72 23.34
C ARG C 64 -9.29 20.24 23.19
N ALA C 65 -8.24 20.99 22.79
CA ALA C 65 -8.32 22.46 22.61
C ALA C 65 -9.13 22.73 21.34
N VAL C 66 -8.86 22.00 20.23
CA VAL C 66 -9.58 22.15 18.98
C VAL C 66 -11.05 21.81 19.28
N SER C 67 -11.35 20.79 20.10
CA SER C 67 -12.72 20.45 20.41
C SER C 67 -13.40 21.60 21.18
N ASN C 68 -12.72 22.14 22.16
CA ASN C 68 -13.20 23.23 22.98
C ASN C 68 -13.48 24.48 22.16
N GLU C 69 -12.54 24.89 21.33
CA GLU C 69 -12.72 26.08 20.53
C GLU C 69 -13.56 25.99 19.27
N ILE C 70 -13.70 24.83 18.62
CA ILE C 70 -14.49 24.76 17.41
C ILE C 70 -15.71 23.90 17.40
N VAL C 71 -15.63 22.77 18.11
CA VAL C 71 -16.75 21.83 18.16
C VAL C 71 -17.80 22.20 19.19
N ARG C 72 -17.37 22.67 20.34
CA ARG C 72 -18.26 23.06 21.40
C ARG C 72 -19.40 24.00 21.00
N PHE C 73 -20.67 23.80 21.37
CA PHE C 73 -21.72 24.72 21.00
C PHE C 73 -22.79 24.59 22.08
N PRO C 74 -23.66 25.58 22.31
CA PRO C 74 -24.75 25.46 23.28
C PRO C 74 -25.84 24.53 22.80
N THR C 75 -26.10 23.45 23.55
CA THR C 75 -27.10 22.44 23.24
C THR C 75 -28.49 22.92 22.91
N ASP C 76 -28.88 24.02 23.56
CA ASP C 76 -30.18 24.63 23.38
C ASP C 76 -30.31 25.21 21.96
N GLN C 77 -29.24 25.34 21.18
CA GLN C 77 -29.38 25.87 19.86
C GLN C 77 -29.43 24.80 18.80
N LEU C 78 -29.45 23.52 19.17
CA LEU C 78 -29.47 22.43 18.22
C LEU C 78 -30.52 22.57 17.12
N THR C 79 -30.08 22.33 15.90
CA THR C 79 -30.97 22.43 14.76
C THR C 79 -31.40 21.01 14.43
N PRO C 80 -32.69 20.65 14.54
CA PRO C 80 -33.20 19.37 14.10
C PRO C 80 -33.16 19.30 12.58
N ASP C 81 -32.77 18.16 12.05
CA ASP C 81 -32.70 18.02 10.62
C ASP C 81 -34.10 17.63 10.28
N GLN C 82 -34.74 18.56 9.62
CA GLN C 82 -36.11 18.34 9.21
C GLN C 82 -36.24 17.32 8.09
N GLU C 83 -35.19 16.91 7.39
CA GLU C 83 -35.32 15.95 6.33
C GLU C 83 -34.62 14.64 6.65
N ARG C 84 -34.33 14.32 7.91
CA ARG C 84 -33.67 13.05 8.22
C ARG C 84 -34.16 12.57 9.58
N SER C 85 -34.48 11.28 9.77
CA SER C 85 -34.93 10.79 11.06
C SER C 85 -33.72 10.37 11.89
N LEU C 86 -33.83 10.04 13.18
CA LEU C 86 -32.66 9.60 13.98
C LEU C 86 -32.23 8.22 13.45
N MET C 87 -33.12 7.52 12.74
CA MET C 87 -32.83 6.22 12.17
C MET C 87 -31.65 6.43 11.23
N PHE C 88 -31.51 7.60 10.58
CA PHE C 88 -30.40 7.89 9.66
C PHE C 88 -29.07 7.83 10.40
N MET C 89 -29.08 8.29 11.64
CA MET C 89 -27.85 8.27 12.41
C MET C 89 -27.55 6.85 12.86
N GLN C 90 -28.54 6.16 13.44
CA GLN C 90 -28.39 4.80 13.93
C GLN C 90 -27.98 3.74 12.93
N TRP C 91 -28.51 3.80 11.71
CA TRP C 91 -28.18 2.83 10.67
C TRP C 91 -26.71 3.07 10.36
N GLY C 92 -26.27 4.33 10.39
CA GLY C 92 -24.88 4.66 10.10
C GLY C 92 -23.96 4.00 11.10
N GLN C 93 -24.28 4.02 12.39
CA GLN C 93 -23.44 3.38 13.39
C GLN C 93 -23.46 1.85 13.20
N LEU C 94 -24.63 1.25 12.95
CA LEU C 94 -24.77 -0.19 12.73
C LEU C 94 -23.94 -0.59 11.51
N LEU C 95 -24.04 0.18 10.43
CA LEU C 95 -23.30 -0.10 9.21
C LEU C 95 -21.80 0.05 9.45
N ASP C 96 -21.38 1.01 10.26
CA ASP C 96 -19.97 1.19 10.53
C ASP C 96 -19.46 -0.10 11.22
N HIS C 97 -20.31 -0.71 12.06
CA HIS C 97 -19.93 -1.92 12.78
C HIS C 97 -19.89 -3.22 11.99
N ASP C 98 -20.23 -3.11 10.73
CA ASP C 98 -20.21 -4.25 9.86
C ASP C 98 -18.87 -4.13 9.11
N LEU C 99 -18.37 -2.90 9.04
CA LEU C 99 -17.15 -2.61 8.33
C LEU C 99 -15.85 -2.47 9.07
N ASP C 100 -15.78 -1.84 10.24
CA ASP C 100 -14.49 -1.74 10.87
C ASP C 100 -14.55 -1.59 12.36
N PHE C 101 -13.56 -2.28 12.94
CA PHE C 101 -13.39 -2.27 14.39
C PHE C 101 -11.87 -2.31 14.44
N THR C 102 -11.27 -1.30 15.06
CA THR C 102 -9.81 -1.20 15.19
C THR C 102 -9.43 -1.59 16.63
N PRO C 103 -8.86 -2.78 16.86
CA PRO C 103 -8.50 -3.26 18.20
C PRO C 103 -7.39 -2.46 18.87
N GLU C 104 -7.56 -2.40 20.18
CA GLU C 104 -6.71 -1.73 21.13
C GLU C 104 -6.26 -2.72 22.20
N PRO C 105 -5.10 -2.55 22.85
CA PRO C 105 -4.72 -3.31 24.02
C PRO C 105 -5.68 -3.16 25.17
N ALA C 106 -5.77 -4.20 25.98
CA ALA C 106 -6.67 -4.18 27.13
C ALA C 106 -6.22 -3.33 28.32
N VAL D 1 1.16 0.20 33.19
CA VAL D 1 0.69 1.12 32.16
C VAL D 1 -0.82 1.01 31.97
N ASN D 2 -1.64 1.38 32.97
CA ASN D 2 -3.08 1.28 32.76
C ASN D 2 -3.51 2.65 32.28
N CYS D 3 -3.65 2.78 30.95
CA CYS D 3 -4.04 4.03 30.32
C CYS D 3 -5.33 4.64 30.84
N GLU D 4 -6.16 3.80 31.47
CA GLU D 4 -7.42 4.25 32.00
C GLU D 4 -7.28 5.03 33.28
N THR D 5 -6.29 4.71 34.10
CA THR D 5 -6.16 5.44 35.34
C THR D 5 -4.97 6.35 35.39
N SER D 6 -4.03 6.12 34.46
CA SER D 6 -2.87 6.95 34.47
C SER D 6 -2.77 7.88 33.28
N CYS D 7 -2.05 9.00 33.53
CA CYS D 7 -1.82 10.03 32.54
C CYS D 7 -0.38 10.02 32.09
N VAL D 8 0.40 9.01 32.49
CA VAL D 8 1.79 8.95 32.07
C VAL D 8 1.80 8.52 30.60
N GLN D 9 2.52 9.22 29.76
CA GLN D 9 2.60 8.89 28.35
C GLN D 9 3.68 7.83 28.14
N GLN D 10 3.36 6.56 28.36
CA GLN D 10 4.29 5.46 28.19
C GLN D 10 3.51 4.56 27.25
N PRO D 11 4.05 3.91 26.23
CA PRO D 11 3.31 2.95 25.44
C PRO D 11 2.59 1.89 26.28
N PRO D 12 1.36 1.50 25.99
CA PRO D 12 0.59 1.84 24.79
C PRO D 12 -0.31 3.07 24.95
N CYS D 13 -0.12 3.87 25.99
CA CYS D 13 -0.96 5.03 26.17
C CYS D 13 -0.51 6.27 25.39
N PHE D 14 -1.49 7.06 24.96
CA PHE D 14 -1.24 8.31 24.22
C PHE D 14 -2.31 9.28 24.76
N PRO D 15 -2.31 9.63 26.04
CA PRO D 15 -3.42 10.36 26.67
C PRO D 15 -3.58 11.76 26.07
N LEU D 16 -4.80 12.27 26.10
CA LEU D 16 -5.06 13.59 25.56
C LEU D 16 -4.76 14.61 26.65
N LYS D 17 -3.84 15.55 26.38
CA LYS D 17 -3.48 16.59 27.36
C LYS D 17 -4.57 17.67 27.42
N ILE D 18 -4.72 18.26 28.60
CA ILE D 18 -5.70 19.29 28.87
C ILE D 18 -5.14 20.70 28.71
N PRO D 19 -5.76 21.59 27.92
CA PRO D 19 -5.40 23.00 27.75
C PRO D 19 -5.68 23.84 29.01
N PRO D 20 -5.07 25.02 29.23
CA PRO D 20 -5.43 25.91 30.33
C PRO D 20 -6.86 26.35 30.14
N ASN D 21 -7.61 26.60 31.19
CA ASN D 21 -9.00 27.05 31.12
C ASN D 21 -10.00 26.15 30.37
N ASP D 22 -9.76 24.86 30.52
CA ASP D 22 -10.60 23.87 29.91
C ASP D 22 -11.98 24.05 30.59
N PRO D 23 -13.13 24.08 29.89
CA PRO D 23 -14.45 24.22 30.51
C PRO D 23 -14.81 23.21 31.56
N ARG D 24 -14.22 22.03 31.48
CA ARG D 24 -14.51 20.97 32.42
C ARG D 24 -13.42 20.41 33.30
N ILE D 25 -12.27 20.10 32.76
CA ILE D 25 -11.16 19.52 33.48
C ILE D 25 -10.23 20.67 33.90
N LYS D 26 -10.34 21.08 35.17
CA LYS D 26 -9.52 22.17 35.68
C LYS D 26 -8.12 21.83 36.07
N ASN D 27 -7.82 20.55 36.19
CA ASN D 27 -6.47 20.17 36.55
C ASN D 27 -5.70 19.79 35.31
N GLN D 28 -4.77 20.63 34.86
CA GLN D 28 -3.99 20.33 33.68
C GLN D 28 -3.10 19.08 33.85
N ALA D 29 -3.06 18.48 35.05
CA ALA D 29 -2.25 17.29 35.26
C ALA D 29 -3.11 16.08 34.93
N ASP D 30 -4.42 16.29 34.74
CA ASP D 30 -5.32 15.22 34.41
C ASP D 30 -5.21 15.01 32.90
N CYS D 31 -5.96 14.11 32.30
CA CYS D 31 -5.91 13.84 30.87
C CYS D 31 -7.12 12.99 30.58
N ILE D 32 -7.41 12.81 29.30
CA ILE D 32 -8.54 11.99 28.90
C ILE D 32 -7.84 10.70 28.47
N PRO D 33 -8.26 9.51 28.89
CA PRO D 33 -7.58 8.25 28.61
C PRO D 33 -7.54 7.88 27.14
N PHE D 34 -6.42 7.28 26.71
CA PHE D 34 -6.33 6.90 25.33
C PHE D 34 -5.33 5.78 25.12
N PHE D 35 -5.77 4.70 24.45
CA PHE D 35 -4.90 3.56 24.17
C PHE D 35 -4.63 3.59 22.69
N ARG D 36 -3.36 3.50 22.28
CA ARG D 36 -3.04 3.51 20.86
C ARG D 36 -3.58 2.21 20.21
N SER D 37 -4.07 2.28 18.98
CA SER D 37 -4.56 1.14 18.27
C SER D 37 -3.41 0.11 18.11
N CYS D 38 -3.73 -1.18 18.16
CA CYS D 38 -2.78 -2.28 18.03
C CYS D 38 -2.07 -2.16 16.70
N PRO D 39 -0.75 -2.21 16.60
CA PRO D 39 -0.06 -2.19 15.30
C PRO D 39 -0.13 -3.54 14.61
N ALA D 40 -0.03 -3.56 13.29
CA ALA D 40 -0.08 -4.78 12.52
C ALA D 40 1.26 -5.51 12.58
N CYS D 41 2.36 -4.82 12.90
CA CYS D 41 3.67 -5.44 12.98
C CYS D 41 4.41 -5.00 14.22
N PRO D 42 4.06 -5.55 15.38
CA PRO D 42 4.60 -5.18 16.67
C PRO D 42 6.12 -5.15 16.72
N GLY D 43 6.69 -4.10 17.30
CA GLY D 43 8.13 -3.98 17.41
C GLY D 43 8.91 -3.64 16.12
N SER D 44 8.41 -3.86 14.89
CA SER D 44 9.19 -3.51 13.74
C SER D 44 9.51 -2.03 13.58
N ASN D 45 10.80 -1.84 13.43
CA ASN D 45 11.34 -0.50 13.24
C ASN D 45 11.46 -0.39 11.71
N ILE D 46 11.35 -1.49 10.93
CA ILE D 46 11.45 -1.46 9.48
C ILE D 46 10.14 -1.02 8.87
N THR D 47 8.98 -1.51 9.30
CA THR D 47 7.69 -1.13 8.73
C THR D 47 7.08 0.18 9.21
N ILE D 48 6.28 0.85 8.38
CA ILE D 48 5.66 2.08 8.83
C ILE D 48 4.42 1.58 9.55
N ARG D 49 4.25 1.92 10.80
CA ARG D 49 3.11 1.48 11.56
C ARG D 49 1.77 1.58 10.88
N ASN D 50 1.00 0.49 10.99
CA ASN D 50 -0.33 0.44 10.40
C ASN D 50 -1.17 -0.30 11.41
N GLN D 51 -2.48 -0.13 11.30
CA GLN D 51 -3.44 -0.75 12.20
C GLN D 51 -4.25 -1.90 11.56
N ILE D 52 -4.98 -2.60 12.41
CA ILE D 52 -5.80 -3.76 12.10
C ILE D 52 -7.31 -3.57 12.03
N ASN D 53 -7.95 -4.27 11.10
CA ASN D 53 -9.39 -4.19 10.99
C ASN D 53 -9.80 -5.61 11.45
N ALA D 54 -10.43 -5.74 12.60
CA ALA D 54 -10.88 -7.00 13.15
C ALA D 54 -12.14 -7.55 12.48
N LEU D 55 -12.77 -6.82 11.54
CA LEU D 55 -13.98 -7.23 10.87
C LEU D 55 -13.83 -7.46 9.40
N THR D 56 -14.80 -8.08 8.73
CA THR D 56 -14.72 -8.32 7.28
C THR D 56 -15.13 -6.92 6.75
N SER D 57 -14.44 -6.41 5.73
CA SER D 57 -14.77 -5.11 5.19
C SER D 57 -16.09 -5.13 4.47
N PHE D 58 -16.48 -6.28 3.93
CA PHE D 58 -17.75 -6.45 3.22
C PHE D 58 -18.94 -6.19 4.15
N VAL D 59 -19.97 -5.72 3.45
CA VAL D 59 -21.29 -5.37 3.98
C VAL D 59 -21.96 -6.74 3.85
N ASP D 60 -21.77 -7.52 4.90
CA ASP D 60 -22.28 -8.88 4.98
C ASP D 60 -22.98 -9.23 6.28
N ALA D 61 -23.42 -8.23 7.03
CA ALA D 61 -24.09 -8.43 8.31
C ALA D 61 -23.18 -9.14 9.32
N SER D 62 -21.87 -8.89 9.24
CA SER D 62 -20.90 -9.50 10.16
C SER D 62 -21.15 -9.01 11.57
N MET D 63 -21.90 -7.91 11.77
CA MET D 63 -22.13 -7.46 13.15
C MET D 63 -23.24 -8.34 13.75
N VAL D 64 -23.93 -9.11 12.92
CA VAL D 64 -24.99 -9.99 13.35
C VAL D 64 -24.33 -11.36 13.57
N TYR D 65 -23.61 -11.83 12.55
CA TYR D 65 -22.95 -13.14 12.62
C TYR D 65 -21.58 -13.38 13.20
N GLY D 66 -20.72 -12.35 13.29
CA GLY D 66 -19.38 -12.46 13.82
C GLY D 66 -18.45 -12.46 12.59
N SER D 67 -17.16 -12.17 12.81
CA SER D 67 -16.19 -12.16 11.71
C SER D 67 -15.10 -13.19 12.02
N GLU D 68 -15.28 -14.04 13.03
CA GLU D 68 -14.31 -15.06 13.42
C GLU D 68 -15.14 -16.31 13.69
N GLU D 69 -14.65 -17.50 13.33
CA GLU D 69 -15.39 -18.75 13.54
C GLU D 69 -15.78 -19.21 14.93
N PRO D 70 -15.02 -19.12 16.04
CA PRO D 70 -15.49 -19.48 17.38
C PRO D 70 -16.73 -18.66 17.72
N LEU D 71 -16.62 -17.34 17.67
CA LEU D 71 -17.74 -16.47 17.97
C LEU D 71 -18.97 -16.80 17.11
N ALA D 72 -18.83 -16.97 15.80
CA ALA D 72 -19.96 -17.27 14.94
C ALA D 72 -20.77 -18.51 15.36
N ARG D 73 -20.04 -19.57 15.72
CA ARG D 73 -20.67 -20.82 16.15
C ARG D 73 -21.36 -20.52 17.48
N ASN D 74 -20.73 -19.80 18.38
CA ASN D 74 -21.35 -19.52 19.67
C ASN D 74 -22.60 -18.67 19.65
N LEU D 75 -22.83 -17.98 18.56
CA LEU D 75 -24.01 -17.15 18.47
C LEU D 75 -25.19 -18.02 17.98
N ARG D 76 -24.93 -19.22 17.47
CA ARG D 76 -25.98 -20.11 16.97
C ARG D 76 -26.65 -20.95 18.02
N ASN D 77 -27.87 -21.35 17.72
CA ASN D 77 -28.62 -22.19 18.65
C ASN D 77 -28.24 -23.59 18.16
N MET D 78 -27.44 -24.30 18.94
CA MET D 78 -27.03 -25.64 18.55
C MET D 78 -27.89 -26.70 19.26
N SER D 79 -29.02 -26.39 19.88
CA SER D 79 -29.84 -27.40 20.55
C SER D 79 -30.81 -28.04 19.55
N ASN D 80 -30.78 -27.66 18.26
CA ASN D 80 -31.68 -28.20 17.26
C ASN D 80 -31.11 -27.92 15.88
N GLN D 81 -31.77 -28.37 14.85
CA GLN D 81 -31.34 -28.17 13.48
C GLN D 81 -32.18 -27.13 12.78
N LEU D 82 -32.64 -26.14 13.54
CA LEU D 82 -33.46 -25.13 12.93
C LEU D 82 -32.68 -23.97 12.26
N GLY D 83 -31.37 -23.85 12.51
CA GLY D 83 -30.50 -22.81 11.94
C GLY D 83 -30.74 -21.43 12.55
N LEU D 84 -31.13 -21.44 13.82
CA LEU D 84 -31.42 -20.23 14.54
C LEU D 84 -30.21 -19.66 15.25
N LEU D 85 -30.35 -18.40 15.62
CA LEU D 85 -29.30 -17.69 16.34
C LEU D 85 -29.87 -17.77 17.76
N ALA D 86 -28.99 -18.02 18.71
CA ALA D 86 -29.33 -18.15 20.11
C ALA D 86 -30.00 -16.90 20.68
N VAL D 87 -30.93 -17.07 21.62
CA VAL D 87 -31.62 -15.93 22.22
C VAL D 87 -31.48 -15.96 23.72
N ASN D 88 -31.77 -14.82 24.33
CA ASN D 88 -31.69 -14.68 25.76
C ASN D 88 -32.61 -15.70 26.41
N GLN D 89 -32.11 -16.51 27.36
CA GLN D 89 -32.92 -17.52 28.04
C GLN D 89 -33.56 -17.00 29.31
N ARG D 90 -33.25 -15.79 29.77
CA ARG D 90 -33.84 -15.26 30.98
C ARG D 90 -34.90 -14.21 30.75
N PHE D 91 -34.80 -13.45 29.66
CA PHE D 91 -35.78 -12.42 29.39
C PHE D 91 -36.27 -12.44 27.98
N GLN D 92 -37.43 -11.85 27.79
CA GLN D 92 -38.05 -11.76 26.49
C GLN D 92 -38.71 -10.39 26.40
N ASP D 93 -38.85 -9.81 25.23
CA ASP D 93 -39.45 -8.51 25.11
C ASP D 93 -40.83 -8.81 24.61
N ASN D 94 -41.76 -8.82 25.56
CA ASN D 94 -43.17 -9.09 25.33
C ASN D 94 -43.26 -10.36 24.50
N GLY D 95 -42.61 -11.43 24.98
CA GLY D 95 -42.65 -12.69 24.25
C GLY D 95 -41.72 -12.76 23.04
N ARG D 96 -41.04 -11.69 22.64
CA ARG D 96 -40.14 -11.76 21.50
C ARG D 96 -38.73 -11.86 22.05
N ALA D 97 -37.84 -12.34 21.19
CA ALA D 97 -36.44 -12.51 21.53
C ALA D 97 -35.52 -11.34 21.75
N LEU D 98 -34.68 -11.53 22.72
CA LEU D 98 -33.72 -10.54 23.08
C LEU D 98 -32.38 -11.19 22.83
N LEU D 99 -31.28 -10.44 22.79
CA LEU D 99 -29.98 -11.03 22.54
C LEU D 99 -29.50 -11.81 23.76
N PRO D 100 -28.65 -12.84 23.62
CA PRO D 100 -27.94 -13.47 24.73
C PRO D 100 -27.03 -12.48 25.45
N PHE D 101 -26.72 -12.74 26.71
CA PHE D 101 -25.84 -11.88 27.47
C PHE D 101 -24.43 -12.38 27.25
N ASP D 102 -23.46 -11.53 27.44
CA ASP D 102 -22.08 -11.92 27.25
C ASP D 102 -21.59 -12.25 28.66
N ASN D 103 -20.35 -12.68 28.76
CA ASN D 103 -19.73 -13.04 30.02
C ASN D 103 -18.38 -12.34 29.97
N LEU D 104 -18.40 -11.06 30.32
CA LEU D 104 -17.22 -10.23 30.32
C LEU D 104 -16.65 -10.16 31.71
N HIS D 105 -15.33 -9.97 31.73
CA HIS D 105 -14.64 -9.90 33.01
C HIS D 105 -15.09 -8.69 33.78
N ASP D 106 -14.90 -7.54 33.16
CA ASP D 106 -15.31 -6.34 33.84
C ASP D 106 -16.33 -5.92 32.79
N ASP D 107 -17.59 -6.07 33.17
CA ASP D 107 -18.68 -5.73 32.29
C ASP D 107 -19.03 -4.26 32.59
N PRO D 108 -18.89 -3.36 31.59
CA PRO D 108 -19.34 -1.99 31.71
C PRO D 108 -20.84 -1.88 31.93
N CYS D 109 -21.72 -2.62 31.23
CA CYS D 109 -23.17 -2.51 31.43
C CYS D 109 -23.67 -2.75 32.86
N LEU D 110 -22.97 -3.58 33.60
CA LEU D 110 -23.33 -3.89 34.98
C LEU D 110 -23.12 -2.62 35.85
N LEU D 111 -22.24 -1.73 35.39
CA LEU D 111 -21.94 -0.50 36.10
C LEU D 111 -22.98 0.57 35.90
N THR D 112 -23.78 0.52 34.83
CA THR D 112 -24.76 1.57 34.64
C THR D 112 -25.94 1.54 35.61
N ASN D 113 -26.22 0.43 36.27
CA ASN D 113 -27.31 0.35 37.21
C ASN D 113 -26.96 -0.89 37.97
N ARG D 114 -26.22 -0.68 39.05
CA ARG D 114 -25.81 -1.80 39.85
C ARG D 114 -26.92 -2.60 40.49
N SER D 115 -28.09 -2.07 40.86
CA SER D 115 -29.09 -2.94 41.47
C SER D 115 -29.74 -3.80 40.41
N ALA D 116 -29.95 -3.28 39.20
CA ALA D 116 -30.57 -4.05 38.16
C ALA D 116 -29.75 -5.25 37.72
N ARG D 117 -28.42 -5.18 37.78
CA ARG D 117 -27.52 -6.29 37.39
C ARG D 117 -27.72 -6.93 36.01
N ILE D 118 -27.91 -6.15 34.94
CA ILE D 118 -28.11 -6.70 33.61
C ILE D 118 -26.79 -6.51 32.88
N PRO D 119 -26.09 -7.60 32.53
CA PRO D 119 -24.83 -7.57 31.79
C PRO D 119 -24.92 -7.10 30.33
N CYS D 120 -23.83 -7.01 29.58
CA CYS D 120 -23.89 -6.55 28.18
C CYS D 120 -24.39 -7.69 27.33
N PHE D 121 -24.94 -7.35 26.18
CA PHE D 121 -25.47 -8.31 25.24
C PHE D 121 -24.33 -8.89 24.42
N LEU D 122 -24.51 -10.03 23.76
CA LEU D 122 -23.48 -10.67 22.96
C LEU D 122 -24.04 -10.68 21.55
N ALA D 123 -23.25 -10.25 20.59
CA ALA D 123 -23.68 -10.21 19.21
C ALA D 123 -22.43 -10.43 18.36
N GLY D 124 -22.49 -10.38 17.03
CA GLY D 124 -21.32 -10.58 16.18
C GLY D 124 -20.23 -9.52 16.27
N ASP D 125 -20.57 -8.40 16.87
CA ASP D 125 -19.63 -7.31 17.02
C ASP D 125 -19.71 -6.96 18.50
N THR D 126 -18.57 -6.61 19.06
CA THR D 126 -18.45 -6.26 20.45
C THR D 126 -19.12 -5.02 20.94
N ARG D 127 -19.48 -4.07 20.07
CA ARG D 127 -20.11 -2.85 20.58
C ARG D 127 -21.62 -2.86 20.60
N SER D 128 -22.33 -3.99 20.59
CA SER D 128 -23.79 -3.96 20.59
C SER D 128 -24.53 -3.22 21.69
N SER D 129 -24.03 -3.22 22.89
CA SER D 129 -24.69 -2.55 23.99
C SER D 129 -24.20 -1.12 24.14
N GLU D 130 -23.35 -0.55 23.27
CA GLU D 130 -22.85 0.82 23.42
C GLU D 130 -23.97 1.82 23.63
N MET D 131 -25.11 1.78 22.92
CA MET D 131 -26.18 2.74 23.20
C MET D 131 -27.45 1.91 22.91
N PRO D 132 -28.60 1.97 23.63
CA PRO D 132 -29.73 1.03 23.48
C PRO D 132 -30.38 1.03 22.12
N GLU D 133 -30.18 2.08 21.31
CA GLU D 133 -30.77 2.20 19.98
C GLU D 133 -30.02 1.28 19.02
N LEU D 134 -28.72 1.06 19.27
CA LEU D 134 -27.86 0.21 18.48
C LEU D 134 -28.30 -1.21 18.84
N THR D 135 -28.44 -1.52 20.11
CA THR D 135 -28.86 -2.83 20.54
C THR D 135 -30.21 -3.14 19.89
N SER D 136 -31.12 -2.18 19.81
CA SER D 136 -32.42 -2.41 19.19
C SER D 136 -32.29 -2.81 17.73
N MET D 137 -31.32 -2.23 17.01
CA MET D 137 -31.12 -2.58 15.62
C MET D 137 -30.48 -3.97 15.53
N HIS D 138 -29.67 -4.38 16.51
CA HIS D 138 -29.04 -5.70 16.49
C HIS D 138 -30.09 -6.80 16.80
N THR D 139 -31.00 -6.50 17.74
CA THR D 139 -32.06 -7.37 18.18
C THR D 139 -33.02 -7.63 17.02
N LEU D 140 -33.39 -6.57 16.31
CA LEU D 140 -34.28 -6.62 15.18
C LEU D 140 -33.72 -7.56 14.14
N LEU D 141 -32.45 -7.40 13.76
CA LEU D 141 -31.84 -8.28 12.77
C LEU D 141 -31.72 -9.74 13.25
N LEU D 142 -31.52 -10.00 14.55
CA LEU D 142 -31.42 -11.35 15.07
C LEU D 142 -32.82 -11.99 14.88
N ARG D 143 -33.90 -11.24 15.22
CA ARG D 143 -35.27 -11.72 15.08
C ARG D 143 -35.54 -11.97 13.61
N GLU D 144 -35.11 -11.08 12.71
CA GLU D 144 -35.36 -11.30 11.30
C GLU D 144 -34.66 -12.57 10.85
N HIS D 145 -33.43 -12.87 11.33
CA HIS D 145 -32.75 -14.08 10.92
C HIS D 145 -33.61 -15.30 11.30
N ASN D 146 -34.06 -15.37 12.55
CA ASN D 146 -34.88 -16.46 13.03
C ASN D 146 -36.21 -16.56 12.31
N ARG D 147 -36.86 -15.46 11.96
CA ARG D 147 -38.12 -15.45 11.26
C ARG D 147 -37.90 -16.09 9.88
N LEU D 148 -36.84 -15.71 9.22
CA LEU D 148 -36.53 -16.24 7.91
C LEU D 148 -36.17 -17.74 7.98
N ALA D 149 -35.36 -18.22 8.93
CA ALA D 149 -34.99 -19.63 9.03
C ALA D 149 -36.27 -20.47 9.21
N THR D 150 -37.23 -19.98 10.03
CA THR D 150 -38.52 -20.59 10.33
C THR D 150 -39.31 -20.74 9.03
N GLU D 151 -39.51 -19.62 8.31
CA GLU D 151 -40.25 -19.67 7.06
C GLU D 151 -39.57 -20.58 6.07
N LEU D 152 -38.24 -20.60 6.05
CA LEU D 152 -37.54 -21.44 5.13
C LEU D 152 -37.67 -22.89 5.53
N LYS D 153 -37.86 -23.22 6.82
CA LYS D 153 -38.00 -24.60 7.22
C LYS D 153 -39.29 -25.17 6.63
N SER D 154 -40.33 -24.34 6.64
CA SER D 154 -41.62 -24.74 6.10
C SER D 154 -41.54 -24.95 4.61
N LEU D 155 -40.91 -24.06 3.86
CA LEU D 155 -40.79 -24.21 2.43
C LEU D 155 -39.91 -25.37 2.00
N ASN D 156 -38.88 -25.65 2.78
CA ASN D 156 -38.00 -26.72 2.42
C ASN D 156 -37.73 -27.59 3.63
N PRO D 157 -38.61 -28.53 4.05
CA PRO D 157 -38.45 -29.35 5.25
C PRO D 157 -37.22 -30.24 5.27
N ARG D 158 -36.62 -30.50 4.13
CA ARG D 158 -35.43 -31.34 4.07
C ARG D 158 -34.12 -30.63 4.47
N TRP D 159 -34.08 -29.29 4.42
CA TRP D 159 -32.89 -28.55 4.76
C TRP D 159 -32.51 -28.72 6.22
N ASP D 160 -31.23 -28.95 6.46
CA ASP D 160 -30.71 -29.12 7.82
C ASP D 160 -30.31 -27.75 8.35
N GLY D 161 -30.01 -27.67 9.64
CA GLY D 161 -29.61 -26.46 10.34
C GLY D 161 -28.56 -25.61 9.65
N GLU D 162 -27.50 -26.19 9.08
CA GLU D 162 -26.47 -25.42 8.41
C GLU D 162 -27.04 -24.69 7.23
N ARG D 163 -27.71 -25.39 6.32
CA ARG D 163 -28.32 -24.78 5.15
C ARG D 163 -29.28 -23.66 5.54
N LEU D 164 -30.13 -23.95 6.53
CA LEU D 164 -31.11 -23.00 7.00
C LEU D 164 -30.41 -21.74 7.53
N TYR D 165 -29.34 -21.90 8.31
CA TYR D 165 -28.60 -20.79 8.86
C TYR D 165 -27.96 -20.00 7.72
N GLN D 166 -27.29 -20.69 6.81
CA GLN D 166 -26.63 -20.06 5.70
C GLN D 166 -27.51 -19.35 4.73
N GLU D 167 -28.71 -19.87 4.45
CA GLU D 167 -29.63 -19.23 3.53
C GLU D 167 -30.27 -18.00 4.16
N ALA D 168 -30.63 -18.00 5.45
CA ALA D 168 -31.24 -16.88 6.12
C ALA D 168 -30.15 -15.81 6.27
N ARG D 169 -28.90 -16.20 6.61
CA ARG D 169 -27.78 -15.27 6.76
C ARG D 169 -27.54 -14.57 5.42
N LYS D 170 -27.63 -15.27 4.29
CA LYS D 170 -27.44 -14.74 2.97
C LYS D 170 -28.52 -13.72 2.67
N ILE D 171 -29.76 -13.97 3.10
CA ILE D 171 -30.84 -13.02 2.85
C ILE D 171 -30.56 -11.81 3.75
N VAL D 172 -30.27 -11.95 5.06
CA VAL D 172 -30.01 -10.78 5.91
C VAL D 172 -28.82 -9.96 5.35
N GLY D 173 -27.72 -10.54 4.82
CA GLY D 173 -26.61 -9.77 4.29
C GLY D 173 -27.08 -8.98 3.07
N ALA D 174 -27.94 -9.55 2.22
CA ALA D 174 -28.43 -8.83 1.04
C ALA D 174 -29.34 -7.70 1.50
N MET D 175 -30.14 -7.84 2.56
CA MET D 175 -31.03 -6.80 3.04
C MET D 175 -30.19 -5.61 3.56
N VAL D 176 -29.08 -5.88 4.24
CA VAL D 176 -28.25 -4.80 4.72
C VAL D 176 -27.65 -4.12 3.49
N GLN D 177 -27.21 -4.82 2.42
CA GLN D 177 -26.65 -4.15 1.26
C GLN D 177 -27.65 -3.28 0.54
N ILE D 178 -28.88 -3.77 0.34
CA ILE D 178 -29.94 -3.02 -0.34
C ILE D 178 -30.35 -1.78 0.47
N ILE D 179 -30.60 -1.87 1.78
CA ILE D 179 -30.98 -0.72 2.58
C ILE D 179 -29.83 0.30 2.55
N THR D 180 -28.57 -0.17 2.59
CA THR D 180 -27.43 0.70 2.56
C THR D 180 -27.20 1.40 1.23
N TYR D 181 -27.12 0.72 0.10
CA TYR D 181 -26.90 1.44 -1.13
C TYR D 181 -28.14 2.03 -1.78
N ARG D 182 -29.33 1.48 -1.53
CA ARG D 182 -30.51 2.03 -2.15
C ARG D 182 -31.10 3.17 -1.35
N ASP D 183 -31.16 3.02 -0.04
CA ASP D 183 -31.74 4.06 0.79
C ASP D 183 -30.87 4.99 1.59
N TYR D 184 -29.83 4.45 2.21
CA TYR D 184 -28.97 5.26 3.01
C TYR D 184 -27.93 6.07 2.29
N LEU D 185 -27.03 5.48 1.50
CA LEU D 185 -26.01 6.24 0.81
C LEU D 185 -26.49 7.36 -0.07
N PRO D 186 -27.58 7.34 -0.82
CA PRO D 186 -28.04 8.53 -1.53
C PRO D 186 -28.29 9.75 -0.63
N LEU D 187 -28.80 9.51 0.59
CA LEU D 187 -29.07 10.58 1.52
C LEU D 187 -27.82 11.08 2.23
N VAL D 188 -26.73 10.30 2.14
CA VAL D 188 -25.49 10.70 2.79
C VAL D 188 -24.74 11.59 1.80
N LEU D 189 -24.52 11.06 0.61
CA LEU D 189 -23.81 11.74 -0.43
C LEU D 189 -24.47 12.82 -1.23
N GLY D 190 -25.79 12.73 -1.41
CA GLY D 190 -26.49 13.70 -2.19
C GLY D 190 -26.38 13.27 -3.66
N PRO D 191 -27.24 13.79 -4.55
CA PRO D 191 -27.34 13.28 -5.91
C PRO D 191 -26.15 13.40 -6.84
N THR D 192 -25.35 14.48 -6.82
CA THR D 192 -24.27 14.45 -7.78
C THR D 192 -23.11 13.60 -7.33
N ALA D 193 -22.75 13.53 -6.05
CA ALA D 193 -21.64 12.70 -5.61
C ALA D 193 -22.06 11.24 -5.79
N MET D 194 -23.32 10.89 -5.61
CA MET D 194 -23.78 9.51 -5.78
C MET D 194 -23.52 9.09 -7.22
N ARG D 195 -23.82 9.93 -8.21
CA ARG D 195 -23.61 9.63 -9.61
C ARG D 195 -22.16 9.48 -10.00
N LYS D 196 -21.40 10.34 -9.35
CA LYS D 196 -19.97 10.42 -9.55
C LYS D 196 -19.19 9.27 -8.97
N TYR D 197 -19.42 8.90 -7.71
CA TYR D 197 -18.68 7.83 -7.10
C TYR D 197 -19.33 6.49 -7.14
N LEU D 198 -20.63 6.46 -7.29
CA LEU D 198 -21.35 5.20 -7.33
C LEU D 198 -22.21 5.05 -8.56
N PRO D 199 -21.63 5.07 -9.75
CA PRO D 199 -22.35 4.77 -10.95
C PRO D 199 -22.98 3.38 -10.90
N THR D 200 -24.01 3.17 -11.70
CA THR D 200 -24.77 1.92 -11.82
C THR D 200 -23.88 0.68 -11.88
N TYR D 201 -24.18 -0.30 -11.04
CA TYR D 201 -23.42 -1.51 -11.00
C TYR D 201 -23.38 -2.19 -12.35
N ARG D 202 -22.24 -2.76 -12.70
CA ARG D 202 -22.10 -3.45 -13.96
C ARG D 202 -21.79 -4.85 -13.54
N SER D 203 -20.63 -5.17 -12.99
CA SER D 203 -20.37 -6.54 -12.58
C SER D 203 -19.22 -6.57 -11.60
N TYR D 204 -19.04 -7.73 -10.96
CA TYR D 204 -17.99 -7.91 -10.00
C TYR D 204 -16.67 -7.76 -10.73
N ASN D 205 -15.72 -7.01 -10.14
CA ASN D 205 -14.41 -6.80 -10.74
C ASN D 205 -13.44 -7.30 -9.68
N ASP D 206 -12.75 -8.39 -9.96
CA ASP D 206 -11.84 -8.92 -8.99
C ASP D 206 -10.56 -8.11 -8.83
N SER D 207 -10.36 -7.08 -9.67
CA SER D 207 -9.19 -6.23 -9.58
C SER D 207 -9.50 -5.05 -8.68
N VAL D 208 -10.69 -4.95 -8.10
CA VAL D 208 -11.02 -3.84 -7.24
C VAL D 208 -10.69 -4.25 -5.82
N ASP D 209 -9.88 -3.51 -5.12
CA ASP D 209 -9.51 -3.85 -3.76
C ASP D 209 -10.60 -3.50 -2.74
N PRO D 210 -11.21 -4.45 -2.00
CA PRO D 210 -12.34 -4.22 -1.11
C PRO D 210 -11.95 -3.88 0.32
N ARG D 211 -10.66 -3.71 0.64
CA ARG D 211 -10.27 -3.41 2.02
C ARG D 211 -10.71 -2.02 2.48
N ILE D 212 -10.95 -1.85 3.78
CA ILE D 212 -11.34 -0.57 4.36
C ILE D 212 -10.00 0.16 4.40
N ALA D 213 -9.99 1.40 3.90
CA ALA D 213 -8.75 2.17 3.90
C ALA D 213 -8.61 2.72 5.30
N ASN D 214 -7.39 2.94 5.81
CA ASN D 214 -7.25 3.47 7.18
C ASN D 214 -8.02 4.79 7.41
N VAL D 215 -7.99 5.70 6.43
CA VAL D 215 -8.68 6.99 6.54
C VAL D 215 -10.19 6.84 6.71
N PHE D 216 -10.80 5.83 6.08
CA PHE D 216 -12.24 5.66 6.21
C PHE D 216 -12.63 5.40 7.67
N THR D 217 -11.77 4.78 8.52
CA THR D 217 -12.18 4.56 9.91
C THR D 217 -12.41 5.91 10.61
N ASN D 218 -11.70 6.95 10.12
CA ASN D 218 -11.84 8.26 10.72
C ASN D 218 -12.89 9.09 10.01
N ALA D 219 -12.85 9.10 8.67
CA ALA D 219 -13.81 9.85 7.90
C ALA D 219 -15.26 9.43 8.14
N PHE D 220 -15.60 8.13 8.25
CA PHE D 220 -16.99 7.74 8.46
C PHE D 220 -17.45 8.11 9.85
N ARG D 221 -16.60 8.67 10.72
CA ARG D 221 -17.05 9.04 12.04
C ARG D 221 -17.81 10.37 11.89
N TYR D 222 -18.05 10.87 10.65
CA TYR D 222 -18.77 12.10 10.36
C TYR D 222 -20.15 11.95 11.06
N GLY D 223 -20.66 10.73 11.31
CA GLY D 223 -21.95 10.47 11.96
C GLY D 223 -22.02 10.95 13.39
N HIS D 224 -20.89 11.31 14.01
CA HIS D 224 -20.97 11.78 15.37
C HIS D 224 -21.68 13.14 15.34
N THR D 225 -21.68 13.86 14.22
CA THR D 225 -22.34 15.17 14.15
C THR D 225 -23.87 15.05 14.05
N LEU D 226 -24.36 13.81 13.83
CA LEU D 226 -25.80 13.55 13.72
C LEU D 226 -26.48 13.14 15.02
N ILE D 227 -25.71 12.85 16.05
CA ILE D 227 -26.23 12.43 17.33
C ILE D 227 -26.97 13.48 18.13
N GLN D 228 -28.17 13.13 18.57
CA GLN D 228 -29.03 13.98 19.37
C GLN D 228 -28.61 13.74 20.83
N PRO D 229 -28.84 14.62 21.81
CA PRO D 229 -28.36 14.40 23.17
C PRO D 229 -29.24 13.49 24.02
N PHE D 230 -30.32 12.96 23.46
CA PHE D 230 -31.25 12.07 24.17
C PHE D 230 -31.61 10.86 23.34
N MET D 231 -32.17 9.94 24.12
CA MET D 231 -32.67 8.66 23.62
C MET D 231 -34.17 8.92 23.86
N PHE D 232 -34.97 8.89 22.81
CA PHE D 232 -36.40 9.15 22.89
C PHE D 232 -37.19 7.87 22.76
N ARG D 233 -38.20 7.69 23.60
CA ARG D 233 -39.03 6.50 23.57
C ARG D 233 -40.46 6.99 23.44
N LEU D 234 -41.17 6.37 22.50
CA LEU D 234 -42.54 6.70 22.21
C LEU D 234 -43.39 5.47 22.39
N ASP D 235 -44.65 5.66 22.75
CA ASP D 235 -45.55 4.56 22.95
C ASP D 235 -46.26 4.23 21.62
N ASN D 236 -47.24 3.34 21.62
CA ASN D 236 -47.97 2.94 20.42
C ASN D 236 -48.70 4.12 19.79
N ARG D 237 -49.03 5.16 20.57
CA ARG D 237 -49.72 6.33 20.01
C ARG D 237 -48.66 7.31 19.53
N TYR D 238 -47.37 6.96 19.55
CA TYR D 238 -46.24 7.78 19.15
C TYR D 238 -46.16 9.06 19.99
N GLN D 239 -46.53 8.86 21.24
CA GLN D 239 -46.56 9.87 22.26
C GLN D 239 -45.42 9.52 23.20
N PRO D 240 -44.82 10.47 23.91
CA PRO D 240 -43.78 10.24 24.90
C PRO D 240 -44.18 9.14 25.87
N MET D 241 -43.35 8.13 26.01
CA MET D 241 -43.69 7.05 26.90
C MET D 241 -43.25 7.46 28.27
N GLU D 242 -44.14 7.45 29.26
CA GLU D 242 -43.75 7.84 30.60
C GLU D 242 -43.34 6.56 31.34
N PRO D 243 -42.48 6.62 32.36
CA PRO D 243 -41.63 7.77 32.67
C PRO D 243 -40.39 7.63 31.78
N ASN D 244 -39.51 8.63 31.88
CA ASN D 244 -38.26 8.68 31.12
C ASN D 244 -38.50 8.71 29.60
N PRO D 245 -39.43 9.48 28.98
CA PRO D 245 -39.55 9.54 27.52
C PRO D 245 -38.32 10.10 26.78
N ARG D 246 -37.45 10.81 27.49
CA ARG D 246 -36.26 11.39 26.89
C ARG D 246 -35.15 11.16 27.88
N VAL D 247 -34.16 10.31 27.67
CA VAL D 247 -33.16 10.20 28.71
C VAL D 247 -31.82 10.58 28.10
N PRO D 248 -30.99 11.33 28.82
CA PRO D 248 -29.75 11.92 28.30
C PRO D 248 -28.83 10.78 27.90
N LEU D 249 -28.14 10.89 26.77
CA LEU D 249 -27.23 9.84 26.32
C LEU D 249 -26.20 9.42 27.32
N SER D 250 -25.69 10.30 28.20
CA SER D 250 -24.70 9.92 29.18
C SER D 250 -25.22 8.94 30.24
N ARG D 251 -26.52 8.67 30.19
CA ARG D 251 -27.16 7.74 31.10
C ARG D 251 -27.65 6.52 30.31
N VAL D 252 -27.38 6.45 28.99
CA VAL D 252 -27.80 5.31 28.21
C VAL D 252 -26.59 4.54 27.67
N PHE D 253 -25.34 5.02 27.67
CA PHE D 253 -24.21 4.25 27.12
C PHE D 253 -24.10 2.99 27.95
N PHE D 254 -23.99 1.81 27.32
CA PHE D 254 -23.88 0.51 27.97
C PHE D 254 -25.04 0.18 28.92
N ALA D 255 -26.17 0.89 28.85
CA ALA D 255 -27.28 0.61 29.73
C ALA D 255 -28.20 -0.50 29.20
N SER D 256 -27.71 -1.75 29.08
CA SER D 256 -28.53 -2.87 28.58
C SER D 256 -29.75 -3.09 29.46
N TRP D 257 -29.67 -2.68 30.74
CA TRP D 257 -30.78 -2.82 31.65
C TRP D 257 -31.98 -2.02 31.15
N ARG D 258 -31.85 -0.89 30.42
CA ARG D 258 -33.00 -0.14 29.95
C ARG D 258 -33.74 -0.96 28.90
N VAL D 259 -33.05 -1.78 28.11
CA VAL D 259 -33.69 -2.60 27.09
C VAL D 259 -34.54 -3.67 27.81
N VAL D 260 -33.95 -4.39 28.77
CA VAL D 260 -34.65 -5.43 29.51
C VAL D 260 -35.73 -4.93 30.49
N LEU D 261 -35.45 -4.02 31.43
CA LEU D 261 -36.47 -3.60 32.36
C LEU D 261 -37.22 -2.35 31.96
N GLU D 262 -36.90 -1.62 30.89
CA GLU D 262 -37.68 -0.44 30.63
C GLU D 262 -38.54 -0.48 29.40
N GLY D 263 -39.04 -1.66 29.08
CA GLY D 263 -39.91 -1.69 27.91
C GLY D 263 -39.53 -2.36 26.62
N GLY D 264 -38.33 -2.92 26.46
CA GLY D 264 -38.00 -3.57 25.19
C GLY D 264 -37.55 -2.62 24.11
N ILE D 265 -37.48 -3.13 22.91
CA ILE D 265 -37.04 -2.31 21.80
C ILE D 265 -38.09 -1.50 21.05
N ASP D 266 -39.38 -1.80 21.19
CA ASP D 266 -40.37 -1.02 20.43
C ASP D 266 -40.40 0.47 20.76
N PRO D 267 -40.42 0.96 22.02
CA PRO D 267 -40.39 2.39 22.36
C PRO D 267 -39.18 3.11 21.71
N ILE D 268 -38.05 2.37 21.73
CA ILE D 268 -36.78 2.79 21.18
C ILE D 268 -36.91 2.82 19.65
N LEU D 269 -37.47 1.85 18.92
CA LEU D 269 -37.54 1.97 17.47
C LEU D 269 -38.49 3.07 17.02
N ARG D 270 -39.51 3.30 17.83
CA ARG D 270 -40.49 4.33 17.53
C ARG D 270 -39.79 5.67 17.68
N GLY D 271 -38.99 5.86 18.76
CA GLY D 271 -38.24 7.08 19.01
C GLY D 271 -37.33 7.33 17.83
N LEU D 272 -36.68 6.33 17.25
CA LEU D 272 -35.81 6.53 16.10
C LEU D 272 -36.52 6.92 14.81
N MET D 273 -37.72 6.43 14.55
CA MET D 273 -38.42 6.79 13.34
C MET D 273 -39.11 8.15 13.38
N ALA D 274 -39.67 8.51 14.54
CA ALA D 274 -40.34 9.78 14.62
C ALA D 274 -39.60 10.94 15.24
N THR D 275 -38.28 10.89 15.36
CA THR D 275 -37.46 11.96 15.93
C THR D 275 -36.44 12.34 14.85
N PRO D 276 -36.21 13.61 14.55
CA PRO D 276 -35.23 13.99 13.54
C PRO D 276 -33.80 13.85 14.02
N ALA D 277 -32.88 13.64 13.10
CA ALA D 277 -31.48 13.54 13.48
C ALA D 277 -31.05 15.02 13.74
N LYS D 278 -29.82 15.25 14.26
CA LYS D 278 -29.30 16.58 14.53
C LYS D 278 -28.69 16.97 13.18
N LEU D 279 -28.81 18.24 12.79
CA LEU D 279 -28.25 18.72 11.54
C LEU D 279 -26.85 19.14 11.92
N ASN D 280 -25.90 18.81 11.06
CA ASN D 280 -24.51 19.18 11.31
C ASN D 280 -24.38 20.63 10.80
N ARG D 281 -24.07 21.63 11.59
CA ARG D 281 -23.94 22.99 11.04
C ARG D 281 -22.51 23.40 11.33
N GLN D 282 -21.85 24.32 10.60
CA GLN D 282 -20.46 24.69 10.90
C GLN D 282 -20.27 25.29 12.27
N ASN D 283 -21.31 25.70 12.99
CA ASN D 283 -21.15 26.26 14.34
C ASN D 283 -21.90 25.41 15.36
N GLN D 284 -22.33 24.20 14.97
CA GLN D 284 -23.06 23.29 15.87
C GLN D 284 -22.55 21.94 15.43
N ILE D 285 -21.27 21.60 15.65
CA ILE D 285 -20.75 20.31 15.20
C ILE D 285 -21.12 19.06 16.03
N ALA D 286 -20.94 18.99 17.34
CA ALA D 286 -21.27 17.80 18.09
C ALA D 286 -21.64 18.24 19.49
N VAL D 287 -22.66 17.56 20.03
CA VAL D 287 -23.18 17.84 21.37
C VAL D 287 -22.31 17.44 22.54
N ASP D 288 -22.48 18.15 23.64
CA ASP D 288 -21.72 17.89 24.83
C ASP D 288 -21.95 16.55 25.50
N GLU D 289 -23.01 15.83 25.13
CA GLU D 289 -23.29 14.53 25.71
C GLU D 289 -22.17 13.57 25.29
N ILE D 290 -21.60 13.80 24.11
CA ILE D 290 -20.53 12.97 23.61
C ILE D 290 -19.18 13.72 23.69
N ARG D 291 -19.16 15.06 23.79
CA ARG D 291 -17.95 15.87 23.88
C ARG D 291 -17.50 16.01 25.32
N GLU D 292 -18.40 15.89 26.27
CA GLU D 292 -18.09 16.02 27.69
C GLU D 292 -18.41 14.84 28.61
N ARG D 293 -19.53 14.16 28.28
CA ARG D 293 -20.00 13.02 29.05
C ARG D 293 -19.95 11.64 28.43
N LEU D 294 -19.09 11.41 27.43
CA LEU D 294 -19.00 10.08 26.82
C LEU D 294 -18.50 9.06 27.83
N PHE D 295 -19.30 8.02 28.09
CA PHE D 295 -18.96 6.94 29.02
C PHE D 295 -18.65 7.30 30.47
N GLU D 296 -19.25 8.42 30.83
CA GLU D 296 -19.13 9.00 32.14
C GLU D 296 -19.47 8.02 33.25
N GLN D 297 -20.55 7.26 33.09
CA GLN D 297 -21.00 6.30 34.07
C GLN D 297 -20.09 5.13 34.29
N VAL D 298 -19.27 4.84 33.32
CA VAL D 298 -18.41 3.71 33.50
C VAL D 298 -16.96 4.07 33.44
N MET D 299 -16.53 5.32 33.25
CA MET D 299 -15.10 5.59 33.20
C MET D 299 -14.78 6.49 34.38
N ARG D 300 -13.51 6.76 34.66
CA ARG D 300 -13.20 7.63 35.77
C ARG D 300 -13.53 9.08 35.47
N ILE D 301 -13.60 9.44 34.20
CA ILE D 301 -13.90 10.79 33.77
C ILE D 301 -14.68 10.67 32.46
N GLY D 302 -15.52 11.63 32.09
CA GLY D 302 -16.25 11.55 30.83
C GLY D 302 -15.24 11.83 29.69
N LEU D 303 -15.37 11.14 28.56
CA LEU D 303 -14.46 11.34 27.42
C LEU D 303 -14.98 12.43 26.47
N ASP D 304 -14.17 12.79 25.48
CA ASP D 304 -14.53 13.79 24.50
C ASP D 304 -14.40 13.05 23.18
N LEU D 305 -15.49 12.57 22.56
CA LEU D 305 -15.43 11.86 21.31
C LEU D 305 -14.89 12.66 20.10
N PRO D 306 -15.20 13.95 19.82
CA PRO D 306 -14.49 14.72 18.79
C PRO D 306 -12.99 14.72 18.98
N ALA D 307 -12.55 14.97 20.22
CA ALA D 307 -11.14 15.00 20.52
C ALA D 307 -10.55 13.61 20.31
N LEU D 308 -11.26 12.52 20.71
CA LEU D 308 -10.75 11.16 20.51
C LEU D 308 -10.56 10.90 19.02
N ASN D 309 -11.46 11.48 18.20
CA ASN D 309 -11.36 11.28 16.76
C ASN D 309 -10.09 11.89 16.20
N MET D 310 -9.73 13.08 16.69
CA MET D 310 -8.52 13.76 16.20
C MET D 310 -7.26 13.07 16.65
N GLN D 311 -7.26 12.66 17.91
CA GLN D 311 -6.10 11.96 18.47
C GLN D 311 -5.89 10.64 17.73
N ARG D 312 -7.01 9.96 17.42
CA ARG D 312 -6.97 8.69 16.72
C ARG D 312 -6.39 8.88 15.34
N SER D 313 -6.65 9.99 14.62
CA SER D 313 -6.06 10.13 13.29
C SER D 313 -4.56 10.34 13.38
N ARG D 314 -4.09 10.92 14.48
CA ARG D 314 -2.67 11.15 14.65
C ARG D 314 -2.03 9.80 14.98
N ASP D 315 -2.70 9.01 15.83
CA ASP D 315 -2.24 7.70 16.23
C ASP D 315 -2.09 6.82 14.98
N HIS D 316 -3.04 6.94 14.06
CA HIS D 316 -3.04 6.18 12.82
C HIS D 316 -2.20 6.79 11.74
N GLY D 317 -1.48 7.88 12.06
CA GLY D 317 -0.60 8.57 11.12
C GLY D 317 -1.27 9.06 9.85
N LEU D 318 -2.50 9.56 9.92
CA LEU D 318 -3.16 10.04 8.71
C LEU D 318 -2.64 11.41 8.26
N PRO D 319 -2.41 11.63 6.97
CA PRO D 319 -2.16 12.97 6.42
C PRO D 319 -3.26 13.97 6.85
N GLY D 320 -2.96 15.27 6.82
CA GLY D 320 -3.90 16.32 7.20
C GLY D 320 -4.83 16.58 6.02
N TYR D 321 -5.67 17.59 6.23
CA TYR D 321 -6.67 18.03 5.27
C TYR D 321 -6.31 18.22 3.81
N ASN D 322 -5.32 19.04 3.52
CA ASN D 322 -4.92 19.30 2.15
C ASN D 322 -4.44 18.09 1.38
N ALA D 323 -3.75 17.11 2.05
CA ALA D 323 -3.25 15.90 1.38
C ALA D 323 -4.48 15.13 0.91
N TRP D 324 -5.56 15.06 1.70
CA TRP D 324 -6.78 14.35 1.32
C TRP D 324 -7.54 15.13 0.26
N ARG D 325 -7.53 16.47 0.26
CA ARG D 325 -8.24 17.25 -0.75
C ARG D 325 -7.49 16.96 -2.05
N ARG D 326 -6.17 16.94 -2.04
CA ARG D 326 -5.37 16.67 -3.22
C ARG D 326 -5.65 15.26 -3.75
N PHE D 327 -5.74 14.25 -2.87
CA PHE D 327 -6.03 12.86 -3.24
C PHE D 327 -7.35 12.83 -4.03
N CYS D 328 -8.36 13.55 -3.54
CA CYS D 328 -9.68 13.63 -4.15
C CYS D 328 -9.73 14.56 -5.36
N GLY D 329 -8.64 15.23 -5.77
CA GLY D 329 -8.69 16.12 -6.93
C GLY D 329 -9.35 17.46 -6.59
N LEU D 330 -9.40 17.86 -5.33
CA LEU D 330 -10.02 19.10 -4.90
C LEU D 330 -8.95 20.14 -4.58
N PRO D 331 -9.15 21.44 -4.86
CA PRO D 331 -8.16 22.52 -4.62
C PRO D 331 -7.80 22.51 -3.16
N GLN D 332 -6.54 22.72 -2.91
CA GLN D 332 -6.00 22.75 -1.59
C GLN D 332 -5.74 24.20 -1.15
N PRO D 333 -6.50 24.78 -0.22
CA PRO D 333 -6.25 26.10 0.35
C PRO D 333 -4.96 26.30 1.14
N GLU D 334 -4.14 27.25 0.73
CA GLU D 334 -2.91 27.54 1.42
C GLU D 334 -3.12 28.67 2.39
N THR D 335 -3.99 29.66 2.12
CA THR D 335 -4.19 30.77 3.04
C THR D 335 -5.53 30.79 3.76
N VAL D 336 -5.71 31.59 4.82
CA VAL D 336 -6.97 31.64 5.52
C VAL D 336 -8.04 32.17 4.56
N GLY D 337 -7.71 33.03 3.60
CA GLY D 337 -8.69 33.56 2.68
C GLY D 337 -9.17 32.48 1.76
N GLN D 338 -8.22 31.69 1.26
CA GLN D 338 -8.57 30.59 0.36
C GLN D 338 -9.38 29.52 1.16
N LEU D 339 -9.04 29.34 2.44
CA LEU D 339 -9.72 28.38 3.26
C LEU D 339 -11.11 28.94 3.53
N GLY D 340 -11.24 30.27 3.66
CA GLY D 340 -12.52 30.88 3.93
C GLY D 340 -13.45 30.60 2.76
N THR D 341 -12.95 30.66 1.52
CA THR D 341 -13.73 30.42 0.31
C THR D 341 -14.14 28.98 0.20
N VAL D 342 -13.21 28.02 0.42
CA VAL D 342 -13.51 26.60 0.34
C VAL D 342 -14.58 26.24 1.38
N LEU D 343 -14.44 26.81 2.57
CA LEU D 343 -15.43 26.51 3.61
C LEU D 343 -16.65 27.37 3.56
N ARG D 344 -16.58 28.46 2.77
CA ARG D 344 -17.65 29.44 2.60
C ARG D 344 -17.94 29.95 4.01
N ASN D 345 -16.89 30.16 4.79
CA ASN D 345 -17.11 30.63 6.12
C ASN D 345 -15.78 31.08 6.61
N LEU D 346 -15.56 32.38 6.52
CA LEU D 346 -14.29 32.91 6.95
C LEU D 346 -14.09 32.92 8.44
N LYS D 347 -15.12 32.95 9.26
CA LYS D 347 -14.88 32.96 10.69
C LYS D 347 -14.36 31.58 11.14
N LEU D 348 -14.91 30.49 10.55
CA LEU D 348 -14.52 29.12 10.88
C LEU D 348 -13.11 28.96 10.41
N ALA D 349 -12.82 29.43 9.19
CA ALA D 349 -11.49 29.34 8.59
C ALA D 349 -10.45 29.98 9.47
N ARG D 350 -10.77 31.15 10.05
CA ARG D 350 -9.80 31.82 10.90
C ARG D 350 -9.61 31.05 12.18
N LYS D 351 -10.66 30.44 12.72
CA LYS D 351 -10.52 29.65 13.94
C LYS D 351 -9.65 28.42 13.65
N LEU D 352 -9.81 27.82 12.48
CA LEU D 352 -9.03 26.64 12.10
C LEU D 352 -7.57 27.06 12.02
N MET D 353 -7.28 28.13 11.28
CA MET D 353 -5.94 28.65 11.12
C MET D 353 -5.37 28.98 12.48
N GLU D 354 -6.12 29.51 13.44
CA GLU D 354 -5.54 29.80 14.74
C GLU D 354 -5.12 28.54 15.44
N GLN D 355 -5.90 27.48 15.30
CA GLN D 355 -5.57 26.25 15.94
C GLN D 355 -4.43 25.50 15.31
N TYR D 356 -4.58 25.28 14.01
CA TYR D 356 -3.63 24.56 13.19
C TYR D 356 -2.45 25.21 12.50
N GLY D 357 -2.51 26.50 12.19
CA GLY D 357 -1.40 27.15 11.54
C GLY D 357 -1.45 27.03 10.03
N THR D 358 -1.86 25.92 9.48
CA THR D 358 -1.92 25.77 8.05
C THR D 358 -3.03 24.77 7.80
N PRO D 359 -3.78 24.89 6.69
CA PRO D 359 -4.77 23.92 6.24
C PRO D 359 -4.11 22.56 6.07
N ASN D 360 -2.79 22.49 5.81
CA ASN D 360 -2.11 21.22 5.63
C ASN D 360 -2.09 20.36 6.87
N ASN D 361 -2.29 20.96 8.05
CA ASN D 361 -2.29 20.24 9.31
C ASN D 361 -3.62 19.95 10.00
N ILE D 362 -4.74 20.42 9.42
CA ILE D 362 -6.07 20.20 9.99
C ILE D 362 -6.30 18.69 9.99
N ASP D 363 -6.71 18.07 11.11
CA ASP D 363 -6.96 16.63 11.20
C ASP D 363 -8.12 16.31 10.28
N ILE D 364 -8.05 15.24 9.49
CA ILE D 364 -9.12 14.89 8.57
C ILE D 364 -10.53 14.89 9.14
N TRP D 365 -10.87 14.42 10.35
CA TRP D 365 -12.26 14.49 10.74
C TRP D 365 -12.65 15.96 10.92
N MET D 366 -11.78 16.81 11.53
CA MET D 366 -12.10 18.23 11.73
C MET D 366 -12.29 18.96 10.42
N GLY D 367 -11.42 18.77 9.44
CA GLY D 367 -11.61 19.45 8.17
C GLY D 367 -12.83 18.95 7.43
N GLY D 368 -12.95 17.62 7.37
CA GLY D 368 -14.06 16.97 6.70
C GLY D 368 -15.41 17.37 7.28
N VAL D 369 -15.64 17.42 8.60
CA VAL D 369 -16.97 17.80 9.06
C VAL D 369 -17.17 19.33 9.07
N SER D 370 -16.14 20.10 8.75
CA SER D 370 -16.24 21.53 8.70
C SER D 370 -16.69 21.97 7.32
N GLU D 371 -16.52 21.21 6.24
CA GLU D 371 -16.95 21.63 4.93
C GLU D 371 -18.47 21.77 4.81
N PRO D 372 -18.98 22.74 4.04
CA PRO D 372 -20.41 22.84 3.74
C PRO D 372 -20.90 21.58 3.02
N LEU D 373 -22.07 21.15 3.45
CA LEU D 373 -22.76 19.98 2.95
C LEU D 373 -23.19 20.00 1.52
N LYS D 374 -23.10 18.90 0.78
CA LYS D 374 -23.52 18.87 -0.60
C LYS D 374 -25.05 18.99 -0.57
N ARG D 375 -25.58 19.49 -1.68
CA ARG D 375 -27.02 19.67 -1.86
C ARG D 375 -27.70 18.31 -1.77
N LYS D 376 -28.63 18.21 -0.82
CA LYS D 376 -29.41 17.01 -0.54
C LYS D 376 -28.54 15.89 0.02
N GLY D 377 -27.36 16.25 0.52
CA GLY D 377 -26.45 15.31 1.09
C GLY D 377 -26.14 15.85 2.48
N ARG D 378 -25.52 15.02 3.32
CA ARG D 378 -25.19 15.43 4.65
C ARG D 378 -23.68 15.39 4.86
N VAL D 379 -22.88 15.48 3.81
CA VAL D 379 -21.43 15.47 3.92
C VAL D 379 -20.96 16.47 2.88
N GLY D 380 -19.77 17.07 3.07
CA GLY D 380 -19.24 18.01 2.10
C GLY D 380 -18.42 17.23 1.04
N PRO D 381 -17.73 17.89 0.08
CA PRO D 381 -16.98 17.21 -0.98
C PRO D 381 -15.80 16.34 -0.60
N LEU D 382 -15.10 16.57 0.53
CA LEU D 382 -13.96 15.72 0.90
C LEU D 382 -14.53 14.39 1.42
N LEU D 383 -15.46 14.50 2.37
CA LEU D 383 -16.10 13.33 2.96
C LEU D 383 -16.82 12.53 1.88
N ALA D 384 -17.57 13.19 0.98
CA ALA D 384 -18.29 12.55 -0.11
C ALA D 384 -17.31 11.73 -0.94
N CYS D 385 -16.12 12.26 -1.27
CA CYS D 385 -15.12 11.55 -2.06
C CYS D 385 -14.59 10.37 -1.29
N ILE D 386 -14.30 10.51 0.01
CA ILE D 386 -13.78 9.37 0.74
C ILE D 386 -14.82 8.25 0.98
N ILE D 387 -16.01 8.59 1.44
CA ILE D 387 -17.06 7.63 1.71
C ILE D 387 -17.44 7.01 0.38
N GLY D 388 -17.69 7.79 -0.69
CA GLY D 388 -18.07 7.32 -2.01
C GLY D 388 -17.06 6.37 -2.64
N THR D 389 -15.76 6.66 -2.56
CA THR D 389 -14.75 5.81 -3.11
C THR D 389 -14.74 4.50 -2.32
N GLN D 390 -14.82 4.59 -0.98
CA GLN D 390 -14.83 3.40 -0.17
C GLN D 390 -16.01 2.50 -0.51
N PHE D 391 -17.25 3.00 -0.53
CA PHE D 391 -18.40 2.17 -0.84
C PHE D 391 -18.41 1.66 -2.27
N ARG D 392 -17.78 2.29 -3.27
CA ARG D 392 -17.79 1.76 -4.64
C ARG D 392 -16.90 0.51 -4.56
N LYS D 393 -15.77 0.56 -3.84
CA LYS D 393 -14.85 -0.57 -3.70
C LYS D 393 -15.48 -1.78 -3.01
N LEU D 394 -16.29 -1.57 -1.98
CA LEU D 394 -16.95 -2.64 -1.24
C LEU D 394 -18.04 -3.30 -2.08
N ARG D 395 -18.57 -2.60 -3.09
CA ARG D 395 -19.61 -3.14 -3.94
C ARG D 395 -18.98 -3.83 -5.14
N ASP D 396 -18.14 -3.13 -5.89
CA ASP D 396 -17.49 -3.68 -7.06
C ASP D 396 -16.51 -4.81 -6.84
N GLY D 397 -15.93 -4.80 -5.66
CA GLY D 397 -14.97 -5.81 -5.30
C GLY D 397 -15.54 -6.90 -4.43
N ASP D 398 -16.85 -7.09 -4.27
CA ASP D 398 -17.37 -8.15 -3.43
C ASP D 398 -17.95 -9.23 -4.37
N ARG D 399 -17.42 -10.46 -4.39
CA ARG D 399 -17.91 -11.54 -5.26
C ARG D 399 -19.35 -11.92 -4.87
N PHE D 400 -19.77 -11.65 -3.64
CA PHE D 400 -21.10 -11.96 -3.18
C PHE D 400 -22.03 -10.72 -3.15
N TRP D 401 -21.77 -9.67 -3.95
CA TRP D 401 -22.64 -8.49 -3.97
C TRP D 401 -24.00 -9.09 -4.46
N TRP D 402 -25.13 -8.74 -3.84
CA TRP D 402 -26.40 -9.32 -4.25
C TRP D 402 -26.84 -9.28 -5.69
N GLU D 403 -26.29 -8.37 -6.49
CA GLU D 403 -26.66 -8.25 -7.89
C GLU D 403 -25.72 -9.00 -8.80
N ASN D 404 -24.65 -9.53 -8.23
CA ASN D 404 -23.66 -10.26 -8.98
C ASN D 404 -24.33 -11.54 -9.47
N GLU D 405 -24.23 -11.77 -10.78
CA GLU D 405 -24.82 -12.95 -11.37
C GLU D 405 -24.34 -14.19 -10.63
N GLY D 406 -25.31 -15.07 -10.45
CA GLY D 406 -25.05 -16.31 -9.78
C GLY D 406 -25.16 -16.19 -8.28
N VAL D 407 -25.35 -15.01 -7.68
CA VAL D 407 -25.45 -14.98 -6.24
C VAL D 407 -26.88 -15.32 -5.91
N PHE D 408 -27.85 -14.69 -6.54
CA PHE D 408 -29.23 -14.99 -6.26
C PHE D 408 -29.79 -15.28 -7.63
N SER D 409 -30.93 -15.97 -7.76
CA SER D 409 -31.48 -16.23 -9.08
C SER D 409 -32.19 -14.93 -9.41
N MET D 410 -32.55 -14.75 -10.67
CA MET D 410 -33.24 -13.56 -11.10
C MET D 410 -34.54 -13.39 -10.31
N GLN D 411 -35.19 -14.51 -10.01
CA GLN D 411 -36.44 -14.46 -9.26
C GLN D 411 -36.18 -14.00 -7.84
N GLN D 412 -35.16 -14.54 -7.18
CA GLN D 412 -34.88 -14.11 -5.83
C GLN D 412 -34.53 -12.62 -5.81
N ARG D 413 -33.73 -12.08 -6.75
CA ARG D 413 -33.38 -10.65 -6.75
C ARG D 413 -34.61 -9.79 -6.90
N GLN D 414 -35.57 -10.22 -7.73
CA GLN D 414 -36.77 -9.46 -7.92
C GLN D 414 -37.53 -9.40 -6.59
N ALA D 415 -37.55 -10.52 -5.85
CA ALA D 415 -38.24 -10.55 -4.57
C ALA D 415 -37.53 -9.64 -3.58
N LEU D 416 -36.20 -9.74 -3.58
CA LEU D 416 -35.33 -8.97 -2.70
C LEU D 416 -35.43 -7.49 -2.91
N ALA D 417 -35.62 -7.06 -4.15
CA ALA D 417 -35.72 -5.65 -4.41
C ALA D 417 -36.91 -5.00 -3.70
N GLN D 418 -37.84 -5.75 -3.14
CA GLN D 418 -39.00 -5.19 -2.45
C GLN D 418 -38.77 -5.04 -0.95
N ILE D 419 -37.63 -5.42 -0.41
CA ILE D 419 -37.47 -5.27 1.03
C ILE D 419 -37.32 -3.80 1.45
N SER D 420 -37.51 -3.54 2.74
CA SER D 420 -37.38 -2.22 3.25
C SER D 420 -37.29 -2.39 4.74
N LEU D 421 -36.54 -1.52 5.40
CA LEU D 421 -36.42 -1.63 6.83
C LEU D 421 -37.78 -1.33 7.48
N PRO D 422 -38.71 -0.46 7.01
CA PRO D 422 -40.09 -0.36 7.53
C PRO D 422 -40.75 -1.74 7.64
N ARG D 423 -40.65 -2.60 6.62
CA ARG D 423 -41.26 -3.93 6.67
C ARG D 423 -40.64 -4.84 7.74
N ILE D 424 -39.31 -4.83 7.82
CA ILE D 424 -38.59 -5.67 8.79
C ILE D 424 -39.07 -5.25 10.17
N ILE D 425 -39.27 -3.95 10.47
CA ILE D 425 -39.74 -3.54 11.82
C ILE D 425 -41.13 -4.12 11.97
N CYS D 426 -41.98 -4.04 10.95
CA CYS D 426 -43.33 -4.58 11.05
C CYS D 426 -43.32 -6.07 11.36
N ASP D 427 -42.50 -6.89 10.70
CA ASP D 427 -42.46 -8.31 10.97
C ASP D 427 -41.76 -8.73 12.24
N ASN D 428 -41.14 -7.87 13.02
CA ASN D 428 -40.47 -8.38 14.19
C ASN D 428 -40.70 -7.65 15.48
N THR D 429 -41.71 -6.82 15.54
CA THR D 429 -41.98 -6.08 16.74
C THR D 429 -43.49 -5.97 16.86
N GLY D 430 -43.93 -5.23 17.88
CA GLY D 430 -45.35 -5.03 18.08
C GLY D 430 -45.72 -3.69 17.46
N ILE D 431 -44.91 -3.09 16.61
CA ILE D 431 -45.25 -1.82 16.04
C ILE D 431 -46.14 -2.03 14.82
N THR D 432 -47.33 -1.44 14.75
CA THR D 432 -48.23 -1.62 13.62
C THR D 432 -48.25 -0.46 12.62
N THR D 433 -47.83 0.73 13.05
CA THR D 433 -47.79 1.92 12.19
C THR D 433 -46.30 2.22 12.24
N VAL D 434 -45.76 2.31 11.02
CA VAL D 434 -44.35 2.57 10.75
C VAL D 434 -44.05 3.68 9.71
N SER D 435 -42.85 4.25 9.56
CA SER D 435 -42.56 5.28 8.59
C SER D 435 -42.66 4.81 7.15
N LYS D 436 -43.03 5.73 6.25
CA LYS D 436 -43.17 5.46 4.84
C LYS D 436 -41.73 5.46 4.32
N ASN D 437 -41.41 4.73 3.27
CA ASN D 437 -40.04 4.81 2.84
C ASN D 437 -39.87 6.14 2.13
N ASN D 438 -38.73 6.82 2.04
CA ASN D 438 -37.46 6.37 2.58
C ASN D 438 -37.48 6.60 4.09
N ILE D 439 -37.28 5.54 4.88
CA ILE D 439 -37.28 5.64 6.34
C ILE D 439 -36.27 6.62 6.95
N PHE D 440 -35.17 6.89 6.22
CA PHE D 440 -34.13 7.79 6.67
C PHE D 440 -34.51 9.26 6.53
N MET D 441 -35.52 9.53 5.73
CA MET D 441 -36.00 10.87 5.51
C MET D 441 -37.26 11.10 6.34
N SER D 442 -38.15 10.13 6.37
CA SER D 442 -39.40 10.17 7.12
C SER D 442 -39.10 10.37 8.57
N ASN D 443 -39.77 11.32 9.23
CA ASN D 443 -39.54 11.56 10.64
C ASN D 443 -40.68 12.24 11.34
N SER D 444 -41.81 12.48 10.71
CA SER D 444 -42.90 13.17 11.40
C SER D 444 -44.17 12.38 11.54
N TYR D 445 -44.57 12.08 12.77
CA TYR D 445 -45.78 11.33 12.98
C TYR D 445 -46.92 12.36 13.06
N PRO D 446 -48.07 12.21 12.40
CA PRO D 446 -48.40 11.05 11.59
C PRO D 446 -48.19 11.25 10.11
N ARG D 447 -47.77 12.42 9.68
CA ARG D 447 -47.57 12.69 8.27
C ARG D 447 -46.73 11.66 7.51
N ASP D 448 -45.65 11.13 8.05
CA ASP D 448 -44.86 10.18 7.29
C ASP D 448 -44.99 8.74 7.73
N PHE D 449 -46.13 8.34 8.28
CA PHE D 449 -46.33 7.00 8.75
C PHE D 449 -47.50 6.32 8.07
N VAL D 450 -47.33 5.02 7.85
CA VAL D 450 -48.32 4.19 7.21
C VAL D 450 -48.53 2.94 8.05
N ASN D 451 -49.54 2.19 7.70
CA ASN D 451 -49.80 0.99 8.44
C ASN D 451 -48.97 -0.07 7.80
N CYS D 452 -48.42 -0.93 8.66
CA CYS D 452 -47.59 -2.05 8.24
C CYS D 452 -48.24 -2.86 7.13
N SER D 453 -49.55 -3.06 7.10
CA SER D 453 -50.19 -3.85 6.04
C SER D 453 -50.12 -3.33 4.62
N THR D 454 -49.65 -2.11 4.39
CA THR D 454 -49.56 -1.59 3.06
C THR D 454 -48.14 -1.80 2.55
N LEU D 455 -47.25 -2.36 3.36
CA LEU D 455 -45.88 -2.58 2.94
C LEU D 455 -45.78 -3.91 2.23
N PRO D 456 -45.10 -4.07 1.08
CA PRO D 456 -44.75 -5.37 0.53
C PRO D 456 -43.93 -6.25 1.46
N ALA D 457 -44.38 -7.50 1.58
CA ALA D 457 -43.70 -8.46 2.41
C ALA D 457 -42.69 -9.13 1.48
N LEU D 458 -41.64 -9.72 2.05
CA LEU D 458 -40.62 -10.40 1.22
C LEU D 458 -41.30 -11.72 0.84
N ASN D 459 -41.30 -12.06 -0.44
CA ASN D 459 -41.91 -13.29 -0.85
C ASN D 459 -40.81 -14.31 -1.09
N LEU D 460 -40.78 -15.24 -0.16
CA LEU D 460 -39.79 -16.29 -0.21
C LEU D 460 -40.07 -17.45 -1.15
N ALA D 461 -41.14 -17.37 -1.97
CA ALA D 461 -41.51 -18.42 -2.89
C ALA D 461 -40.38 -18.92 -3.74
N SER D 462 -39.53 -18.03 -4.24
CA SER D 462 -38.40 -18.46 -5.08
C SER D 462 -37.26 -19.15 -4.34
N TRP D 463 -37.38 -19.43 -3.03
CA TRP D 463 -36.37 -20.12 -2.24
C TRP D 463 -36.84 -21.57 -2.04
N ARG D 464 -38.02 -21.95 -2.57
CA ARG D 464 -38.59 -23.29 -2.45
C ARG D 464 -37.82 -24.06 -3.50
N GLU D 465 -36.89 -24.89 -3.05
CA GLU D 465 -36.03 -25.70 -3.89
C GLU D 465 -36.79 -26.95 -4.29
N ALA D 466 -37.09 -27.09 -5.56
CA ALA D 466 -37.81 -28.24 -6.01
C ALA D 466 -36.85 -28.88 -6.99
C1 NAG E . 1.31 15.99 -7.43
C2 NAG E . 0.20 16.64 -8.21
C3 NAG E . -1.12 16.07 -7.72
C4 NAG E . -1.10 14.55 -7.77
C5 NAG E . 0.17 13.91 -7.21
C6 NAG E . 0.29 12.46 -7.59
C7 NAG E . 0.60 18.89 -9.04
C8 NAG E . 0.53 20.40 -8.83
N2 NAG E . 0.17 18.09 -8.05
O3 NAG E . -2.19 16.53 -8.52
O4 NAG E . -2.17 14.10 -6.94
O5 NAG E . 1.32 14.59 -7.72
O6 NAG E . 0.19 12.38 -9.00
O7 NAG E . 1.12 18.41 -10.04
C1 NAG E . -3.02 13.19 -7.54
C2 NAG E . -3.73 12.40 -6.42
C3 NAG E . -4.81 11.51 -7.08
C4 NAG E . -5.71 12.42 -7.97
C5 NAG E . -4.87 13.15 -9.01
C6 NAG E . -5.65 14.07 -9.92
C7 NAG E . -2.19 11.99 -4.58
C8 NAG E . -1.13 11.07 -4.04
N2 NAG E . -2.71 11.63 -5.74
O3 NAG E . -5.57 10.84 -6.08
O4 NAG E . -6.72 11.68 -8.65
O5 NAG E . -3.92 13.93 -8.34
O6 NAG E . -6.42 14.93 -9.13
O7 NAG E . -2.57 12.98 -3.95
C1 BMA E . -8.03 11.73 -8.10
C2 BMA E . -9.02 11.65 -9.25
C3 BMA E . -10.45 11.45 -8.73
C4 BMA E . -10.52 10.35 -7.73
C5 BMA E . -9.47 10.54 -6.63
C6 BMA E . -9.46 9.44 -5.54
O2 BMA E . -8.65 10.55 -10.07
O3 BMA E . -11.28 11.07 -9.82
O4 BMA E . -11.81 10.32 -7.17
O5 BMA E . -8.19 10.59 -7.28
O6 BMA E . -9.50 8.15 -6.17
C1 MAN E . -12.62 11.58 -9.81
C2 MAN E . -13.40 10.78 -10.88
C3 MAN E . -12.76 10.99 -12.24
C4 MAN E . -12.68 12.46 -12.52
C5 MAN E . -11.91 13.18 -11.41
C6 MAN E . -11.80 14.69 -11.62
O2 MAN E . -14.77 11.10 -10.98
O3 MAN E . -13.46 10.35 -13.30
O4 MAN E . -12.04 12.61 -13.78
O5 MAN E . -12.58 12.96 -10.17
O6 MAN E . -11.54 15.30 -10.36
C1 MAN E . -8.22 7.65 -6.53
C2 MAN E . -8.33 6.96 -7.86
C3 MAN E . -9.27 5.79 -7.71
C4 MAN E . -8.75 4.86 -6.63
C5 MAN E . -8.65 5.61 -5.32
C6 MAN E . -8.05 4.72 -4.22
O2 MAN E . -7.04 6.54 -8.26
O3 MAN E . -9.39 5.06 -8.92
O4 MAN E . -9.63 3.78 -6.52
O5 MAN E . -7.80 6.74 -5.54
O6 MAN E . -6.61 4.66 -4.35
C1 FUC E . 0.35 11.11 -9.62
C2 FUC E . -0.45 11.15 -10.88
C3 FUC E . 0.15 12.24 -11.77
C4 FUC E . 1.62 12.07 -11.97
C5 FUC E . 2.37 11.85 -10.68
C6 FUC E . 3.77 11.37 -11.02
O2 FUC E . -1.82 11.39 -10.56
O3 FUC E . -0.43 12.22 -13.05
O4 FUC E . 1.80 10.97 -12.81
O5 FUC E . 1.73 10.85 -9.92
C1 NAG F . -11.64 -3.34 -12.84
C2 NAG F . -11.63 -2.62 -14.16
C3 NAG F . -10.19 -2.26 -14.43
C4 NAG F . -9.69 -1.38 -13.31
C5 NAG F . -9.92 -1.97 -11.92
C6 NAG F . -9.68 -0.98 -10.78
C7 NAG F . -13.47 -3.22 -15.67
C8 NAG F . -13.80 -4.01 -16.90
N2 NAG F . -12.19 -3.32 -15.32
O3 NAG F . -10.05 -1.64 -15.69
O4 NAG F . -8.29 -1.25 -13.52
O5 NAG F . -11.27 -2.44 -11.82
O6 NAG F . -10.28 0.26 -11.15
O7 NAG F . -14.36 -2.68 -14.98
C1 NAG F . -7.75 0.05 -13.51
C2 NAG F . -6.31 -0.08 -13.07
C3 NAG F . -5.63 1.31 -13.18
C4 NAG F . -5.77 1.83 -14.60
C5 NAG F . -7.26 1.91 -14.95
C6 NAG F . -7.46 2.39 -16.38
C7 NAG F . -5.90 -1.80 -11.37
C8 NAG F . -5.90 -2.08 -9.89
N2 NAG F . -6.24 -0.57 -11.71
O3 NAG F . -4.26 1.23 -12.85
O4 NAG F . -5.14 3.11 -14.70
O5 NAG F . -7.83 0.60 -14.83
O6 NAG F . -6.78 1.54 -17.26
O7 NAG F . -5.62 -2.66 -12.22
C1 BMA F . -3.94 3.15 -15.48
C2 BMA F . -3.99 4.47 -16.20
C3 BMA F . -2.70 4.68 -16.96
C4 BMA F . -1.50 4.56 -16.03
C5 BMA F . -1.57 3.23 -15.30
C6 BMA F . -0.45 3.08 -14.30
O2 BMA F . -4.16 5.48 -15.21
O3 BMA F . -2.75 6.02 -17.49
O4 BMA F . -0.27 4.67 -16.74
O5 BMA F . -2.81 3.18 -14.61
O6 BMA F . -0.42 4.24 -13.49
C1 MAN F . -2.16 6.16 -18.78
C2 MAN F . -2.20 7.67 -19.12
C3 MAN F . -3.67 8.07 -19.37
C4 MAN F . -4.33 7.09 -20.35
C5 MAN F . -4.27 5.75 -19.72
C6 MAN F . -5.10 4.63 -20.30
O2 MAN F . -1.39 8.10 -20.21
O3 MAN F . -3.72 9.37 -19.91
O4 MAN F . -5.66 7.49 -20.60
O5 MAN F . -2.91 5.39 -19.72
O6 MAN F . -5.06 3.53 -19.41
C1 MAN F . -1.20 4.15 -12.33
C2 MAN F . -1.74 5.53 -12.02
C3 MAN F . -0.62 6.46 -11.62
C4 MAN F . 0.03 5.90 -10.38
C5 MAN F . 0.64 4.55 -10.72
C6 MAN F . 1.18 3.95 -9.40
O2 MAN F . -2.65 5.42 -10.94
O3 MAN F . -1.14 7.73 -11.35
O4 MAN F . 0.97 6.79 -9.89
O5 MAN F . -0.39 3.69 -11.24
O6 MAN F . 0.12 3.69 -8.50
C1 FUC F . -10.26 1.33 -10.20
C2 FUC F . -10.66 2.54 -10.98
C3 FUC F . -12.07 2.33 -11.52
C4 FUC F . -13.07 1.98 -10.43
C5 FUC F . -12.54 0.88 -9.53
C6 FUC F . -13.39 0.80 -8.27
O2 FUC F . -9.78 2.83 -12.05
O3 FUC F . -12.49 3.55 -12.12
O4 FUC F . -13.27 3.16 -9.68
O5 FUC F . -11.20 1.14 -9.14
C1 NAG G . 44.09 9.51 0.88
C2 NAG G . 44.57 8.13 0.38
C3 NAG G . 46.06 8.13 0.24
C4 NAG G . 46.49 9.28 -0.67
C5 NAG G . 46.03 10.63 -0.09
C6 NAG G . 46.37 11.81 -1.00
C7 NAG G . 43.26 6.15 1.04
C8 NAG G . 42.97 5.12 2.11
N2 NAG G . 44.20 7.07 1.31
O3 NAG G . 46.45 6.91 -0.33
O4 NAG G . 47.90 9.23 -0.79
O5 NAG G . 44.60 10.60 0.08
O6 NAG G . 45.44 11.89 -2.06
O7 NAG G . 42.67 6.11 -0.04
C1 NAG H . 44.96 -16.85 -12.22
C2 NAG H . 44.85 -17.20 -13.65
C3 NAG H . 46.21 -17.27 -14.29
C4 NAG H . 46.90 -15.95 -14.12
C5 NAG H . 47.02 -15.79 -12.62
C6 NAG H . 47.83 -14.70 -12.02
C7 NAG H . 43.44 -18.84 -14.67
C8 NAG H . 42.80 -20.21 -14.58
N2 NAG H . 44.20 -18.48 -13.65
O3 NAG H . 46.15 -17.62 -15.67
O4 NAG H . 48.11 -16.12 -14.84
O5 NAG H . 45.70 -15.67 -12.07
O6 NAG H . 47.79 -14.92 -10.60
O7 NAG H . 43.30 -18.11 -15.66
CA CA I . 19.89 5.33 -4.84
CL CL J . 4.09 -4.17 -6.75
CHA HEM K . 18.83 -9.25 -10.02
CHB HEM K . 22.79 -10.94 -12.08
CHC HEM K . 22.74 -7.48 -15.43
CHD HEM K . 18.81 -5.76 -13.33
C1A HEM K . 19.87 -10.09 -10.37
C2A HEM K . 20.22 -11.30 -9.65
C3A HEM K . 21.34 -11.76 -10.21
C4A HEM K . 21.68 -10.83 -11.29
CMA HEM K . 22.12 -13.00 -9.79
CAA HEM K . 19.44 -11.95 -8.52
CBA HEM K . 18.57 -13.10 -9.04
CGA HEM K . 17.61 -13.60 -7.98
O1A HEM K . 18.00 -14.48 -7.22
O2A HEM K . 16.51 -13.11 -7.88
C1B HEM K . 23.17 -10.10 -13.10
C2B HEM K . 24.42 -10.19 -13.80
C3B HEM K . 24.41 -9.21 -14.76
C4B HEM K . 23.15 -8.52 -14.62
CMB HEM K . 25.54 -11.20 -13.54
CAB HEM K . 25.38 -8.96 -15.72
CBB HEM K . 26.77 -8.64 -15.42
C1C HEM K . 21.59 -6.74 -15.20
C2C HEM K . 21.10 -5.71 -16.09
C3C HEM K . 19.96 -5.20 -15.47
C4C HEM K . 19.82 -5.96 -14.26
CMC HEM K . 21.73 -5.29 -17.43
CAC HEM K . 19.12 -4.14 -15.87
CBC HEM K . 19.22 -3.34 -17.09
C1D HEM K . 18.59 -6.48 -12.18
C2D HEM K . 17.69 -6.05 -11.12
C3D HEM K . 17.73 -7.01 -10.16
C4D HEM K . 18.62 -8.05 -10.66
CMD HEM K . 16.82 -4.79 -11.12
CAD HEM K . 17.04 -6.96 -8.80
CBD HEM K . 17.95 -6.38 -7.77
CGD HEM K . 17.43 -6.35 -6.35
O1D HEM K . 16.43 -5.70 -6.04
O2D HEM K . 18.02 -7.01 -5.50
NA HEM K . 20.76 -9.81 -11.37
NB HEM K . 22.38 -9.07 -13.60
NC HEM K . 20.81 -6.90 -14.10
ND HEM K . 19.17 -7.71 -11.90
FE HEM K . 20.61 -8.51 -12.93
C1 NAG L . -33.09 -22.95 20.70
C2 NAG L . -33.24 -22.03 21.85
C3 NAG L . -34.31 -22.46 22.79
C4 NAG L . -35.63 -22.50 22.04
C5 NAG L . -35.51 -23.46 20.86
C6 NAG L . -36.74 -23.28 19.95
C7 NAG L . -31.30 -20.88 22.61
C8 NAG L . -30.02 -20.94 23.44
N2 NAG L . -32.02 -21.98 22.59
O3 NAG L . -34.36 -21.50 23.83
O4 NAG L . -36.68 -22.90 22.90
O5 NAG L . -34.35 -23.16 20.04
O6 NAG L . -36.43 -23.84 18.69
O7 NAG L . -31.65 -19.84 22.01
C1 NAG M . -32.03 0.55 38.19
C2 NAG M . -32.66 1.89 38.05
C3 NAG M . -33.89 1.94 38.88
C4 NAG M . -34.85 0.84 38.43
C5 NAG M . -34.10 -0.46 38.64
C6 NAG M . -34.85 -1.75 38.36
C7 NAG M . -31.67 4.06 37.92
C8 NAG M . -30.62 5.03 38.41
N2 NAG M . -31.68 2.86 38.49
O3 NAG M . -34.52 3.19 38.79
O4 NAG M . -36.01 0.96 39.22
O5 NAG M . -32.96 -0.43 37.81
O6 NAG M . -34.00 -2.83 38.76
O7 NAG M . -32.51 4.37 37.07
CA CA N . -18.47 -6.85 7.40
CL CL O . -5.38 5.67 4.32
CHA HEM P . -15.57 5.30 16.67
CHB HEM P . -18.82 6.06 20.10
CHC HEM P . -22.10 6.73 16.68
CHD HEM P . -18.92 5.72 13.30
C1A HEM P . -16.16 5.53 17.88
C2A HEM P . -15.46 5.41 19.15
C3A HEM P . -16.37 5.59 20.12
C4A HEM P . -17.64 5.84 19.45
CMA HEM P . -16.12 5.53 21.59
CAA HEM P . -13.96 5.18 19.34
CBA HEM P . -13.22 6.44 19.77
CGA HEM P . -11.71 6.35 19.68
O1A HEM P . -11.05 6.21 20.69
O2A HEM P . -11.17 6.41 18.59
C1B HEM P . -20.01 6.21 19.45
C2B HEM P . -21.29 6.22 20.10
C3B HEM P . -22.22 6.38 19.13
C4B HEM P . -21.50 6.50 17.89
CMB HEM P . -21.52 6.14 21.61
CAB HEM P . -23.62 6.52 19.28
CBB HEM P . -24.48 5.66 20.08
C1C HEM P . -21.50 6.61 15.46
C2C HEM P . -22.14 6.94 14.20
C3C HEM P . -21.20 6.65 13.23
C4C HEM P . -20.04 6.16 13.93
CMC HEM P . -23.55 7.48 14.02
CAC HEM P . -21.28 6.84 11.83
CBC HEM P . -22.49 7.03 11.03
C1D HEM P . -17.80 5.35 13.98
C2D HEM P . -16.69 4.67 13.36
C3D HEM P . -15.75 4.52 14.33
C4D HEM P . -16.29 5.13 15.51
CMD HEM P . -16.57 4.26 11.89
CAD HEM P . -14.41 3.79 14.19
CBD HEM P . -14.59 2.30 14.49
CGD HEM P . -13.33 1.47 14.48
O1D HEM P . -12.75 1.24 13.42
O2D HEM P . -12.90 1.07 15.57
NA HEM P . -17.50 5.80 18.08
NB HEM P . -20.15 6.38 18.07
NC HEM P . -20.22 6.15 15.28
ND HEM P . -17.56 5.63 15.30
FE HEM P . -18.68 6.31 16.63
#